data_6OCD
#
_entry.id   6OCD
#
_cell.length_a   57.937
_cell.length_b   78.605
_cell.length_c   103.890
_cell.angle_alpha   90.000
_cell.angle_beta   96.460
_cell.angle_gamma   90.000
#
_symmetry.space_group_name_H-M   'P 1 21 1'
#
loop_
_entity.id
_entity.type
_entity.pdbx_description
1 polymer 'Ricin A chain'
2 polymer 'VHH antibody V6D4'
3 non-polymer 'ZINC ION'
4 non-polymer 'CHLORIDE ION'
5 non-polymer IMIDAZOLE
6 non-polymer 1,2-ETHANEDIOL
7 water water
#
loop_
_entity_poly.entity_id
_entity_poly.type
_entity_poly.pdbx_seq_one_letter_code
_entity_poly.pdbx_strand_id
1 'polypeptide(L)'
;QYPIINFTTAGATVQSYTNFIRAVRGRLTTGADVRHEIPVLPNRVGLPINQRFILVELSNHAELSVTLALDVTNAYVVGY
RAGNSAYFFHPDNQEDAEAITHLFTDVQNRYTFAFGGNYDRLEQLAGNLRENIELGNGPLEEAISALYYYSTGGTQLPTL
ARSFIICIQMISEAARFQYIEGEMRTRIRYNRRSAPDPSVITLENSWGRLSTAIQESNQGAFASPIQLQRRNGSKFSVYD
VSILIPIIALMVYRCAPP
;
A,C
2 'polypeptide(L)'
;QLVETGGGLVQSGGSLRLSCAASGFTLDNYNIGWFRQAPGKEYGGVSCISSSDGSTYYADSVKGRFTISRDNAKNTVYLQ
MNNLKPEDTDVYYCAATKYGSSCPIRPYDYWGQGTQVTVSSAH
;
B,D
#
loop_
_chem_comp.id
_chem_comp.type
_chem_comp.name
_chem_comp.formula
CL non-polymer 'CHLORIDE ION' 'Cl -1'
EDO non-polymer 1,2-ETHANEDIOL 'C2 H6 O2'
IMD non-polymer IMIDAZOLE 'C3 H5 N2 1'
ZN non-polymer 'ZINC ION' 'Zn 2'
#
# COMPACT_ATOMS: atom_id res chain seq x y z
N GLN A 1 23.40 -30.07 -21.73
CA GLN A 1 22.91 -28.79 -21.22
C GLN A 1 22.08 -28.04 -22.27
N TYR A 2 21.03 -27.37 -21.82
CA TYR A 2 20.22 -26.53 -22.70
C TYR A 2 21.05 -25.35 -23.20
N PRO A 3 20.65 -24.74 -24.33
CA PRO A 3 21.42 -23.63 -24.89
C PRO A 3 21.45 -22.42 -23.95
N ILE A 4 22.59 -21.74 -23.90
CA ILE A 4 22.76 -20.59 -23.01
C ILE A 4 23.06 -19.28 -23.75
N ILE A 5 22.25 -18.26 -23.47
CA ILE A 5 22.50 -16.93 -23.98
C ILE A 5 22.95 -16.03 -22.83
N ASN A 6 23.99 -15.24 -23.07
CA ASN A 6 24.54 -14.37 -22.02
C ASN A 6 24.22 -12.90 -22.25
N PHE A 7 23.90 -12.21 -21.16
CA PHE A 7 23.76 -10.76 -21.22
C PHE A 7 24.27 -10.11 -19.93
N THR A 8 24.93 -8.97 -20.07
CA THR A 8 25.39 -8.22 -18.91
C THR A 8 24.87 -6.79 -18.97
N THR A 9 24.52 -6.24 -17.81
CA THR A 9 24.09 -4.85 -17.70
C THR A 9 25.29 -3.91 -17.61
N ALA A 10 26.47 -4.48 -17.40
CA ALA A 10 27.69 -3.70 -17.29
C ALA A 10 28.16 -3.21 -18.65
N GLY A 11 27.89 -1.95 -18.94
CA GLY A 11 28.25 -1.37 -20.22
C GLY A 11 27.31 -1.75 -21.34
N ALA A 12 26.09 -2.15 -20.97
CA ALA A 12 25.09 -2.52 -21.96
C ALA A 12 24.85 -1.37 -22.94
N THR A 13 24.71 -1.71 -24.22
CA THR A 13 24.40 -0.74 -25.24
C THR A 13 23.19 -1.20 -26.02
N VAL A 14 22.64 -0.33 -26.86
CA VAL A 14 21.55 -0.72 -27.73
C VAL A 14 21.97 -1.89 -28.62
N GLN A 15 23.23 -1.90 -29.03
CA GLN A 15 23.75 -2.98 -29.87
C GLN A 15 23.88 -4.31 -29.12
N SER A 16 24.40 -4.27 -27.89
CA SER A 16 24.58 -5.50 -27.12
C SER A 16 23.23 -6.07 -26.70
N TYR A 17 22.29 -5.19 -26.40
CA TYR A 17 20.94 -5.61 -26.05
C TYR A 17 20.22 -6.22 -27.25
N THR A 18 20.36 -5.58 -28.41
CA THR A 18 19.75 -6.08 -29.64
C THR A 18 20.30 -7.45 -30.00
N ASN A 19 21.62 -7.59 -29.94
CA ASN A 19 22.26 -8.88 -30.20
C ASN A 19 21.72 -9.95 -29.27
N PHE A 20 21.54 -9.58 -28.00
CA PHE A 20 21.02 -10.50 -26.99
C PHE A 20 19.62 -10.98 -27.35
N ILE A 21 18.72 -10.03 -27.60
CA ILE A 21 17.33 -10.38 -27.89
C ILE A 21 17.22 -11.18 -29.19
N ARG A 22 18.04 -10.84 -30.19
CA ARG A 22 18.05 -11.60 -31.43
C ARG A 22 18.49 -13.04 -31.19
N ALA A 23 19.45 -13.23 -30.30
CA ALA A 23 19.95 -14.56 -29.99
C ALA A 23 18.90 -15.37 -29.23
N VAL A 24 18.14 -14.69 -28.38
CA VAL A 24 17.06 -15.33 -27.65
C VAL A 24 15.97 -15.83 -28.60
N ARG A 25 15.61 -15.00 -29.57
CA ARG A 25 14.64 -15.39 -30.57
C ARG A 25 15.13 -16.59 -31.38
N GLY A 26 16.41 -16.54 -31.78
CA GLY A 26 16.96 -17.60 -32.60
C GLY A 26 17.03 -18.94 -31.89
N ARG A 27 16.99 -18.90 -30.56
CA ARG A 27 17.02 -20.12 -29.75
C ARG A 27 15.61 -20.56 -29.40
N LEU A 28 14.69 -19.61 -29.36
CA LEU A 28 13.29 -19.90 -29.08
C LEU A 28 12.66 -20.69 -30.22
N THR A 29 13.00 -20.33 -31.45
CA THR A 29 12.40 -20.97 -32.62
C THR A 29 13.35 -20.98 -33.82
N THR A 30 13.22 -22.01 -34.65
CA THR A 30 14.05 -22.17 -35.83
C THR A 30 13.62 -21.22 -36.95
N GLY A 31 12.42 -20.66 -36.81
CA GLY A 31 11.88 -19.77 -37.83
C GLY A 31 11.36 -20.52 -39.03
N ALA A 32 11.20 -21.84 -38.89
CA ALA A 32 10.72 -22.67 -39.99
C ALA A 32 9.21 -22.51 -40.20
N ASP A 33 8.51 -22.19 -39.13
CA ASP A 33 7.06 -21.98 -39.20
C ASP A 33 6.74 -20.51 -39.10
N VAL A 34 6.21 -19.94 -40.19
CA VAL A 34 5.92 -18.52 -40.28
C VAL A 34 4.52 -18.28 -40.85
N ARG A 35 3.70 -17.52 -40.14
CA ARG A 35 2.37 -17.16 -40.65
C ARG A 35 2.27 -15.65 -40.79
N HIS A 36 1.83 -15.19 -41.94
CA HIS A 36 1.74 -13.76 -42.22
C HIS A 36 3.00 -13.07 -41.75
N GLU A 37 4.14 -13.66 -42.10
CA GLU A 37 5.45 -13.03 -41.91
C GLU A 37 5.90 -12.94 -40.45
N ILE A 38 5.22 -13.67 -39.58
CA ILE A 38 5.59 -13.70 -38.17
C ILE A 38 5.92 -15.13 -37.73
N PRO A 39 7.15 -15.35 -37.27
CA PRO A 39 7.59 -16.67 -36.81
C PRO A 39 6.72 -17.20 -35.66
N VAL A 40 6.49 -18.50 -35.66
CA VAL A 40 5.69 -19.15 -34.63
C VAL A 40 6.60 -19.99 -33.75
N LEU A 41 6.32 -20.01 -32.46
CA LEU A 41 7.08 -20.85 -31.53
C LEU A 41 6.73 -22.31 -31.79
N PRO A 42 7.66 -23.22 -31.46
CA PRO A 42 7.38 -24.64 -31.68
C PRO A 42 6.13 -25.10 -30.93
N ASN A 43 5.41 -26.01 -31.56
CA ASN A 43 4.25 -26.67 -30.98
C ASN A 43 4.68 -27.55 -29.80
N ARG A 44 3.99 -27.41 -28.67
CA ARG A 44 4.21 -28.26 -27.51
C ARG A 44 4.11 -29.75 -27.89
N VAL A 45 3.20 -30.07 -28.80
CA VAL A 45 3.04 -31.44 -29.29
C VAL A 45 4.12 -31.75 -30.33
N GLY A 46 5.04 -32.65 -29.99
CA GLY A 46 6.14 -32.99 -30.86
C GLY A 46 7.48 -32.39 -30.41
N LEU A 47 7.45 -31.66 -29.29
CA LEU A 47 8.66 -31.05 -28.76
C LEU A 47 9.32 -31.96 -27.73
N PRO A 48 10.50 -32.51 -28.08
CA PRO A 48 11.24 -33.39 -27.16
C PRO A 48 11.72 -32.62 -25.94
N ILE A 49 11.90 -33.30 -24.81
CA ILE A 49 12.25 -32.63 -23.58
C ILE A 49 13.65 -31.99 -23.63
N ASN A 50 14.53 -32.50 -24.48
CA ASN A 50 15.88 -31.95 -24.57
C ASN A 50 15.99 -30.72 -25.48
N GLN A 51 14.84 -30.20 -25.90
CA GLN A 51 14.79 -28.98 -26.71
C GLN A 51 13.74 -28.04 -26.14
N ARG A 52 13.29 -28.32 -24.92
CA ARG A 52 12.13 -27.63 -24.34
C ARG A 52 12.46 -26.28 -23.73
N PHE A 53 13.69 -26.10 -23.26
CA PHE A 53 14.04 -24.88 -22.54
C PHE A 53 15.29 -24.21 -23.11
N ILE A 54 15.41 -22.91 -22.85
CA ILE A 54 16.67 -22.20 -23.08
C ILE A 54 17.07 -21.46 -21.80
N LEU A 55 18.36 -21.21 -21.63
CA LEU A 55 18.86 -20.58 -20.42
C LEU A 55 19.43 -19.19 -20.71
N VAL A 56 18.96 -18.20 -19.97
CA VAL A 56 19.47 -16.83 -20.10
C VAL A 56 20.30 -16.46 -18.88
N GLU A 57 21.62 -16.41 -19.06
CA GLU A 57 22.52 -16.07 -17.96
C GLU A 57 22.75 -14.56 -17.91
N LEU A 58 22.30 -13.93 -16.83
CA LEU A 58 22.38 -12.48 -16.67
C LEU A 58 23.45 -12.09 -15.66
N SER A 59 24.28 -11.12 -16.02
CA SER A 59 25.29 -10.58 -15.09
C SER A 59 25.10 -9.06 -14.93
N ASN A 60 25.62 -8.52 -13.84
CA ASN A 60 25.57 -7.07 -13.63
C ASN A 60 26.92 -6.46 -13.25
N HIS A 61 26.91 -5.18 -12.88
CA HIS A 61 28.12 -4.46 -12.52
C HIS A 61 28.85 -5.10 -11.32
N ALA A 62 28.08 -5.71 -10.44
CA ALA A 62 28.65 -6.33 -9.25
C ALA A 62 29.21 -7.71 -9.57
N GLU A 63 29.11 -8.10 -10.84
CA GLU A 63 29.55 -9.41 -11.31
C GLU A 63 28.75 -10.55 -10.68
N LEU A 64 27.53 -10.26 -10.28
CA LEU A 64 26.62 -11.29 -9.80
C LEU A 64 25.88 -11.87 -11.00
N SER A 65 25.67 -13.19 -11.00
CA SER A 65 24.99 -13.86 -12.10
C SER A 65 23.79 -14.65 -11.61
N VAL A 66 22.72 -14.63 -12.41
CA VAL A 66 21.60 -15.56 -12.26
C VAL A 66 21.22 -16.10 -13.64
N THR A 67 20.72 -17.32 -13.67
CA THR A 67 20.31 -17.93 -14.93
C THR A 67 18.81 -18.18 -14.94
N LEU A 68 18.11 -17.54 -15.88
CA LEU A 68 16.69 -17.77 -16.05
C LEU A 68 16.45 -18.90 -17.03
N ALA A 69 15.43 -19.71 -16.76
CA ALA A 69 15.03 -20.75 -17.68
C ALA A 69 13.76 -20.31 -18.42
N LEU A 70 13.80 -20.41 -19.75
CA LEU A 70 12.67 -20.03 -20.57
C LEU A 70 12.11 -21.24 -21.33
N ASP A 71 10.79 -21.36 -21.31
CA ASP A 71 10.06 -22.39 -22.05
C ASP A 71 9.93 -21.94 -23.50
N VAL A 72 10.46 -22.71 -24.44
CA VAL A 72 10.45 -22.29 -25.84
C VAL A 72 9.06 -22.26 -26.50
N THR A 73 8.08 -22.89 -25.86
CA THR A 73 6.73 -22.97 -26.45
C THR A 73 5.95 -21.68 -26.27
N ASN A 74 6.34 -20.88 -25.28
CA ASN A 74 5.61 -19.66 -24.96
C ASN A 74 6.51 -18.53 -24.46
N ALA A 75 7.80 -18.80 -24.38
CA ALA A 75 8.78 -17.82 -23.91
C ALA A 75 8.59 -17.38 -22.46
N TYR A 76 7.77 -18.12 -21.71
CA TYR A 76 7.58 -17.82 -20.28
C TYR A 76 8.82 -18.18 -19.47
N VAL A 77 9.15 -17.34 -18.49
CA VAL A 77 10.19 -17.67 -17.52
C VAL A 77 9.58 -18.65 -16.52
N VAL A 78 10.18 -19.83 -16.39
CA VAL A 78 9.63 -20.86 -15.50
C VAL A 78 10.35 -20.96 -14.16
N GLY A 79 11.58 -20.42 -14.11
CA GLY A 79 12.35 -20.45 -12.88
C GLY A 79 13.76 -19.92 -13.10
N TYR A 80 14.59 -19.97 -12.07
CA TYR A 80 15.97 -19.50 -12.22
C TYR A 80 16.93 -20.20 -11.27
N ARG A 81 18.21 -20.08 -11.57
CA ARG A 81 19.24 -20.61 -10.68
C ARG A 81 20.19 -19.49 -10.23
N ALA A 82 20.53 -19.50 -8.95
CA ALA A 82 21.57 -18.63 -8.42
C ALA A 82 22.45 -19.48 -7.52
N GLY A 83 23.72 -19.60 -7.88
CA GLY A 83 24.64 -20.45 -7.13
C GLY A 83 24.16 -21.89 -7.06
N ASN A 84 23.97 -22.38 -5.84
CA ASN A 84 23.57 -23.76 -5.63
C ASN A 84 22.08 -23.93 -5.30
N SER A 85 21.27 -23.00 -5.77
CA SER A 85 19.83 -23.05 -5.50
C SER A 85 19.03 -22.67 -6.74
N ALA A 86 17.94 -23.38 -6.98
CA ALA A 86 17.05 -23.07 -8.10
C ALA A 86 15.62 -22.89 -7.62
N TYR A 87 14.93 -21.90 -8.17
CA TYR A 87 13.56 -21.58 -7.76
C TYR A 87 12.65 -21.60 -8.97
N PHE A 88 11.54 -22.33 -8.87
CA PHE A 88 10.58 -22.44 -9.97
C PHE A 88 9.21 -21.90 -9.58
N PHE A 89 8.55 -21.22 -10.53
CA PHE A 89 7.17 -20.81 -10.32
C PHE A 89 6.29 -22.06 -10.23
N HIS A 90 5.20 -21.96 -9.48
CA HIS A 90 4.24 -23.05 -9.43
C HIS A 90 3.80 -23.37 -10.86
N PRO A 91 4.06 -24.62 -11.30
CA PRO A 91 3.75 -25.04 -12.68
C PRO A 91 2.25 -24.96 -12.95
N ASP A 92 1.88 -24.60 -14.18
N ASP A 92 1.89 -24.61 -14.18
CA ASP A 92 0.48 -24.44 -14.54
CA ASP A 92 0.50 -24.45 -14.56
C ASP A 92 -0.24 -25.78 -14.71
C ASP A 92 -0.22 -25.79 -14.65
N ASN A 93 0.52 -26.83 -15.05
CA ASN A 93 -0.06 -28.15 -15.21
C ASN A 93 0.92 -29.27 -14.88
N GLN A 94 0.40 -30.50 -14.80
CA GLN A 94 1.20 -31.67 -14.43
C GLN A 94 2.36 -31.90 -15.37
N GLU A 95 2.14 -31.72 -16.67
CA GLU A 95 3.20 -31.94 -17.65
C GLU A 95 4.34 -30.96 -17.46
N ASP A 96 4.00 -29.70 -17.22
CA ASP A 96 5.01 -28.66 -16.98
C ASP A 96 5.78 -28.95 -15.69
N ALA A 97 5.08 -29.48 -14.70
CA ALA A 97 5.69 -29.80 -13.42
C ALA A 97 6.77 -30.85 -13.61
N GLU A 98 6.49 -31.80 -14.51
CA GLU A 98 7.45 -32.86 -14.81
C GLU A 98 8.60 -32.34 -15.68
N ALA A 99 8.26 -31.45 -16.60
CA ALA A 99 9.25 -30.86 -17.49
C ALA A 99 10.36 -30.13 -16.73
N ILE A 100 9.97 -29.37 -15.70
CA ILE A 100 10.94 -28.57 -14.97
C ILE A 100 11.90 -29.36 -14.09
N THR A 101 11.63 -30.66 -13.91
CA THR A 101 12.57 -31.51 -13.17
C THR A 101 13.82 -31.75 -14.00
N HIS A 102 13.74 -31.45 -15.29
CA HIS A 102 14.87 -31.54 -16.21
C HIS A 102 15.77 -30.31 -16.17
N LEU A 103 15.38 -29.31 -15.39
CA LEU A 103 16.15 -28.07 -15.32
C LEU A 103 17.09 -28.03 -14.12
N PHE A 104 18.31 -27.54 -14.35
CA PHE A 104 19.26 -27.30 -13.26
C PHE A 104 19.41 -28.54 -12.38
N THR A 105 19.69 -29.68 -13.00
CA THR A 105 19.63 -30.95 -12.31
C THR A 105 20.77 -31.19 -11.30
N ASP A 106 21.85 -30.43 -11.41
CA ASP A 106 22.99 -30.59 -10.51
C ASP A 106 22.89 -29.70 -9.27
N VAL A 107 21.98 -28.75 -9.30
CA VAL A 107 21.73 -27.89 -8.14
C VAL A 107 21.27 -28.73 -6.95
N GLN A 108 21.78 -28.42 -5.76
CA GLN A 108 21.47 -29.24 -4.59
C GLN A 108 20.25 -28.75 -3.80
N ASN A 109 19.81 -27.52 -4.08
CA ASN A 109 18.59 -27.00 -3.47
C ASN A 109 17.59 -26.53 -4.51
N ARG A 110 16.47 -27.24 -4.62
CA ARG A 110 15.42 -26.86 -5.56
C ARG A 110 14.18 -26.45 -4.76
N TYR A 111 13.52 -25.39 -5.21
CA TYR A 111 12.33 -24.90 -4.52
C TYR A 111 11.24 -24.54 -5.51
N THR A 112 9.99 -24.76 -5.13
CA THR A 112 8.87 -24.37 -5.95
C THR A 112 7.98 -23.40 -5.18
N PHE A 113 7.78 -22.20 -5.74
CA PHE A 113 6.90 -21.22 -5.13
C PHE A 113 5.46 -21.69 -5.15
N ALA A 114 4.65 -21.15 -4.23
CA ALA A 114 3.24 -21.47 -4.17
C ALA A 114 2.46 -20.70 -5.24
N PHE A 115 3.12 -19.72 -5.84
CA PHE A 115 2.49 -18.87 -6.85
C PHE A 115 3.08 -19.10 -8.24
N GLY A 116 2.25 -18.93 -9.26
CA GLY A 116 2.72 -19.00 -10.64
C GLY A 116 3.33 -17.68 -11.06
N GLY A 117 3.95 -17.66 -12.24
CA GLY A 117 4.67 -16.49 -12.69
C GLY A 117 3.89 -15.56 -13.61
N ASN A 118 2.62 -15.36 -13.30
CA ASN A 118 1.78 -14.43 -14.06
C ASN A 118 1.74 -13.05 -13.44
N TYR A 119 1.59 -12.02 -14.27
CA TYR A 119 1.61 -10.63 -13.81
C TYR A 119 0.63 -10.35 -12.67
N ASP A 120 -0.60 -10.83 -12.81
CA ASP A 120 -1.62 -10.57 -11.79
C ASP A 120 -1.15 -10.97 -10.38
N ARG A 121 -0.61 -12.17 -10.26
CA ARG A 121 -0.13 -12.66 -8.97
C ARG A 121 1.13 -11.91 -8.53
N LEU A 122 2.05 -11.69 -9.46
CA LEU A 122 3.29 -10.99 -9.15
C LEU A 122 3.05 -9.56 -8.70
N GLU A 123 2.15 -8.85 -9.39
CA GLU A 123 1.82 -7.48 -9.03
C GLU A 123 1.27 -7.41 -7.61
N GLN A 124 0.46 -8.39 -7.23
CA GLN A 124 -0.08 -8.46 -5.88
C GLN A 124 1.05 -8.62 -4.88
N LEU A 125 1.98 -9.54 -5.18
CA LEU A 125 3.12 -9.78 -4.31
C LEU A 125 4.04 -8.57 -4.23
N ALA A 126 4.29 -7.93 -5.37
CA ALA A 126 5.17 -6.77 -5.43
C ALA A 126 4.56 -5.54 -4.76
N GLY A 127 3.23 -5.49 -4.71
CA GLY A 127 2.53 -4.33 -4.19
C GLY A 127 2.54 -3.19 -5.18
N ASN A 128 2.70 -3.53 -6.45
CA ASN A 128 2.75 -2.54 -7.52
C ASN A 128 2.31 -3.11 -8.85
N LEU A 129 1.63 -2.30 -9.64
CA LEU A 129 1.23 -2.69 -10.99
C LEU A 129 2.39 -2.44 -11.96
N ARG A 130 2.37 -3.12 -13.08
CA ARG A 130 3.37 -2.91 -14.12
C ARG A 130 3.49 -1.44 -14.47
N GLU A 131 2.34 -0.75 -14.52
CA GLU A 131 2.31 0.69 -14.82
C GLU A 131 3.22 1.51 -13.90
N ASN A 132 3.49 0.99 -12.72
CA ASN A 132 4.27 1.74 -11.73
C ASN A 132 5.65 1.16 -11.45
N ILE A 133 6.04 0.17 -12.25
CA ILE A 133 7.34 -0.47 -12.08
C ILE A 133 8.29 -0.08 -13.21
N GLU A 134 9.28 0.73 -12.88
CA GLU A 134 10.20 1.28 -13.88
C GLU A 134 11.05 0.19 -14.55
N LEU A 135 11.33 0.35 -15.83
CA LEU A 135 12.15 -0.60 -16.57
C LEU A 135 13.38 0.09 -17.15
N GLY A 136 14.42 -0.67 -17.42
CA GLY A 136 15.64 -0.12 -17.98
C GLY A 136 16.84 -0.88 -17.46
N ASN A 137 18.03 -0.38 -17.77
CA ASN A 137 19.25 -1.07 -17.35
C ASN A 137 19.43 -1.05 -15.84
N GLY A 138 19.17 0.10 -15.23
CA GLY A 138 19.21 0.23 -13.78
C GLY A 138 18.32 -0.79 -13.10
N PRO A 139 17.02 -0.80 -13.44
CA PRO A 139 16.08 -1.77 -12.88
C PRO A 139 16.55 -3.22 -13.08
N LEU A 140 17.07 -3.54 -14.25
CA LEU A 140 17.54 -4.90 -14.51
C LEU A 140 18.72 -5.24 -13.61
N GLU A 141 19.67 -4.31 -13.51
CA GLU A 141 20.82 -4.48 -12.64
C GLU A 141 20.38 -4.78 -11.21
N GLU A 142 19.40 -4.03 -10.72
CA GLU A 142 18.90 -4.21 -9.37
C GLU A 142 18.12 -5.52 -9.23
N ALA A 143 17.40 -5.89 -10.29
CA ALA A 143 16.65 -7.14 -10.30
C ALA A 143 17.57 -8.35 -10.20
N ILE A 144 18.69 -8.30 -10.92
CA ILE A 144 19.65 -9.39 -10.91
C ILE A 144 20.23 -9.61 -9.51
N SER A 145 20.55 -8.52 -8.83
CA SER A 145 21.07 -8.62 -7.46
C SER A 145 20.03 -9.20 -6.51
N ALA A 146 18.80 -8.71 -6.60
CA ALA A 146 17.71 -9.21 -5.77
C ALA A 146 17.51 -10.71 -5.94
N LEU A 147 17.51 -11.18 -7.17
CA LEU A 147 17.36 -12.61 -7.44
C LEU A 147 18.52 -13.39 -6.85
N TYR A 148 19.73 -12.84 -6.97
CA TYR A 148 20.93 -13.53 -6.53
C TYR A 148 20.95 -13.68 -5.01
N TYR A 149 20.42 -12.68 -4.30
CA TYR A 149 20.49 -12.68 -2.85
C TYR A 149 19.30 -13.34 -2.16
N TYR A 150 18.32 -13.79 -2.94
CA TYR A 150 17.11 -14.36 -2.35
C TYR A 150 17.39 -15.58 -1.48
N SER A 151 18.29 -16.45 -1.95
CA SER A 151 18.59 -17.68 -1.21
C SER A 151 19.18 -17.42 0.17
N THR A 152 19.86 -16.29 0.33
CA THR A 152 20.53 -15.97 1.59
C THR A 152 19.68 -15.12 2.52
N GLY A 153 18.39 -15.02 2.22
CA GLY A 153 17.48 -14.24 3.04
C GLY A 153 17.68 -12.74 2.93
N GLY A 154 18.45 -12.31 1.93
CA GLY A 154 18.74 -10.90 1.76
C GLY A 154 17.73 -10.15 0.91
N THR A 155 16.76 -10.88 0.37
CA THR A 155 15.75 -10.28 -0.51
C THR A 155 14.32 -10.55 -0.03
N GLN A 156 13.57 -9.47 0.20
CA GLN A 156 12.17 -9.57 0.61
C GLN A 156 11.29 -9.99 -0.55
N LEU A 157 10.21 -10.71 -0.25
CA LEU A 157 9.32 -11.23 -1.28
C LEU A 157 8.82 -10.16 -2.26
N PRO A 158 8.27 -9.05 -1.73
CA PRO A 158 7.80 -7.99 -2.62
C PRO A 158 8.87 -7.56 -3.62
N THR A 159 10.12 -7.46 -3.16
CA THR A 159 11.22 -7.10 -4.03
C THR A 159 11.50 -8.19 -5.06
N LEU A 160 11.36 -9.44 -4.65
CA LEU A 160 11.56 -10.55 -5.57
C LEU A 160 10.50 -10.51 -6.67
N ALA A 161 9.26 -10.29 -6.26
CA ALA A 161 8.15 -10.19 -7.19
C ALA A 161 8.41 -9.07 -8.21
N ARG A 162 8.84 -7.92 -7.72
N ARG A 162 8.81 -7.91 -7.72
CA ARG A 162 9.13 -6.78 -8.59
CA ARG A 162 9.14 -6.79 -8.59
C ARG A 162 10.26 -7.10 -9.56
C ARG A 162 10.22 -7.18 -9.58
N SER A 163 11.27 -7.83 -9.08
CA SER A 163 12.41 -8.20 -9.91
C SER A 163 12.00 -9.13 -11.04
N PHE A 164 11.12 -10.09 -10.74
CA PHE A 164 10.60 -10.99 -11.77
C PHE A 164 9.85 -10.20 -12.83
N ILE A 165 9.04 -9.26 -12.41
CA ILE A 165 8.25 -8.45 -13.33
C ILE A 165 9.17 -7.68 -14.28
N ILE A 166 10.32 -7.25 -13.76
CA ILE A 166 11.30 -6.53 -14.58
C ILE A 166 11.98 -7.45 -15.59
N CYS A 167 12.47 -8.60 -15.12
CA CYS A 167 13.14 -9.55 -15.99
C CYS A 167 12.22 -10.08 -17.09
N ILE A 168 10.99 -10.39 -16.73
CA ILE A 168 10.05 -10.94 -17.69
C ILE A 168 9.79 -9.97 -18.85
N GLN A 169 9.54 -8.71 -18.51
CA GLN A 169 9.27 -7.71 -19.54
C GLN A 169 10.49 -7.43 -20.43
N MET A 170 11.67 -7.28 -19.83
CA MET A 170 12.87 -6.93 -20.58
C MET A 170 13.47 -8.10 -21.36
N ILE A 171 13.06 -9.31 -21.04
CA ILE A 171 13.55 -10.50 -21.73
C ILE A 171 12.45 -11.15 -22.59
N SER A 172 11.43 -11.69 -21.92
CA SER A 172 10.38 -12.43 -22.61
C SER A 172 9.55 -11.55 -23.54
N GLU A 173 9.01 -10.47 -23.00
CA GLU A 173 8.15 -9.59 -23.76
C GLU A 173 8.90 -8.94 -24.91
N ALA A 174 10.14 -8.54 -24.65
CA ALA A 174 10.98 -7.95 -25.69
C ALA A 174 11.23 -8.98 -26.80
N ALA A 175 11.38 -10.23 -26.41
CA ALA A 175 11.54 -11.32 -27.37
C ALA A 175 10.29 -11.50 -28.22
N ARG A 176 9.12 -11.36 -27.61
CA ARG A 176 7.84 -11.58 -28.29
C ARG A 176 7.48 -10.42 -29.20
N PHE A 177 7.87 -9.21 -28.80
CA PHE A 177 7.46 -7.99 -29.50
C PHE A 177 8.63 -7.12 -29.89
N GLN A 178 8.75 -6.81 -31.18
CA GLN A 178 9.76 -5.87 -31.64
C GLN A 178 9.49 -4.49 -31.05
N TYR A 179 8.22 -4.17 -30.87
CA TYR A 179 7.82 -2.89 -30.31
C TYR A 179 8.35 -2.69 -28.89
N ILE A 180 8.32 -3.77 -28.10
CA ILE A 180 8.78 -3.72 -26.72
C ILE A 180 10.30 -3.74 -26.66
N GLU A 181 10.93 -4.50 -27.55
CA GLU A 181 12.38 -4.45 -27.71
C GLU A 181 12.83 -3.02 -28.02
N GLY A 182 12.08 -2.35 -28.89
CA GLY A 182 12.38 -0.98 -29.26
C GLY A 182 12.32 -0.04 -28.06
N GLU A 183 11.30 -0.24 -27.21
CA GLU A 183 11.11 0.58 -26.03
C GLU A 183 12.26 0.42 -25.04
N MET A 184 12.75 -0.79 -24.89
CA MET A 184 13.86 -1.05 -23.98
C MET A 184 15.16 -0.49 -24.57
N ARG A 185 15.31 -0.59 -25.88
CA ARG A 185 16.46 0.00 -26.58
C ARG A 185 16.56 1.50 -26.31
N THR A 186 15.41 2.17 -26.32
CA THR A 186 15.36 3.61 -26.13
C THR A 186 15.78 3.97 -24.70
N ARG A 187 15.24 3.24 -23.73
CA ARG A 187 15.61 3.41 -22.34
C ARG A 187 17.12 3.27 -22.18
N ILE A 188 17.68 2.23 -22.80
CA ILE A 188 19.11 1.97 -22.75
C ILE A 188 19.94 3.06 -23.43
N ARG A 189 19.56 3.42 -24.66
CA ARG A 189 20.34 4.40 -25.42
C ARG A 189 20.52 5.70 -24.65
N TYR A 190 19.51 6.07 -23.86
CA TYR A 190 19.51 7.36 -23.20
C TYR A 190 19.69 7.23 -21.68
N ASN A 191 20.03 6.01 -21.24
CA ASN A 191 20.31 5.77 -19.84
C ASN A 191 19.14 6.21 -18.95
N ARG A 192 17.93 5.89 -19.39
CA ARG A 192 16.72 6.27 -18.68
C ARG A 192 16.05 5.05 -18.08
N ARG A 193 15.32 5.26 -16.99
CA ARG A 193 14.43 4.24 -16.45
C ARG A 193 13.02 4.81 -16.34
N SER A 194 12.04 4.03 -16.76
CA SER A 194 10.65 4.47 -16.70
C SER A 194 9.69 3.30 -16.86
N ALA A 195 8.51 3.40 -16.26
CA ALA A 195 7.50 2.36 -16.36
C ALA A 195 6.97 2.28 -17.79
N PRO A 196 6.54 1.09 -18.21
CA PRO A 196 5.96 0.93 -19.55
C PRO A 196 4.61 1.63 -19.66
N ASP A 197 4.35 2.28 -20.80
CA ASP A 197 3.08 2.96 -21.01
C ASP A 197 2.00 1.98 -21.46
N PRO A 198 0.75 2.45 -21.60
CA PRO A 198 -0.37 1.57 -22.00
C PRO A 198 -0.11 0.78 -23.29
N SER A 199 0.58 1.38 -24.26
CA SER A 199 0.84 0.67 -25.51
C SER A 199 1.60 -0.63 -25.23
N VAL A 200 2.57 -0.56 -24.32
CA VAL A 200 3.33 -1.74 -23.94
C VAL A 200 2.47 -2.75 -23.17
N ILE A 201 1.74 -2.26 -22.16
CA ILE A 201 0.93 -3.12 -21.31
C ILE A 201 -0.14 -3.86 -22.10
N THR A 202 -0.82 -3.15 -22.97
CA THR A 202 -1.89 -3.73 -23.78
C THR A 202 -1.37 -4.84 -24.70
N LEU A 203 -0.18 -4.64 -25.27
CA LEU A 203 0.44 -5.66 -26.10
C LEU A 203 0.73 -6.92 -25.30
N GLU A 204 1.37 -6.76 -24.15
CA GLU A 204 1.68 -7.88 -23.28
C GLU A 204 0.41 -8.66 -22.98
N ASN A 205 -0.66 -7.95 -22.65
CA ASN A 205 -1.92 -8.58 -22.26
C ASN A 205 -2.67 -9.27 -23.40
N SER A 206 -2.25 -8.99 -24.63
N SER A 206 -2.27 -9.00 -24.64
CA SER A 206 -3.00 -9.44 -25.81
CA SER A 206 -3.03 -9.49 -25.78
C SER A 206 -2.26 -10.50 -26.63
C SER A 206 -2.24 -10.46 -26.67
N TRP A 207 -1.04 -10.84 -26.23
CA TRP A 207 -0.19 -11.73 -27.02
C TRP A 207 -0.91 -13.01 -27.43
N GLY A 208 -1.63 -13.60 -26.49
CA GLY A 208 -2.37 -14.82 -26.76
C GLY A 208 -3.41 -14.67 -27.85
N ARG A 209 -4.30 -13.68 -27.69
CA ARG A 209 -5.39 -13.50 -28.66
C ARG A 209 -4.91 -12.97 -30.00
N LEU A 210 -3.82 -12.21 -29.99
CA LEU A 210 -3.20 -11.76 -31.24
C LEU A 210 -2.70 -12.95 -32.02
N SER A 211 -1.98 -13.85 -31.34
CA SER A 211 -1.51 -15.08 -31.94
C SER A 211 -2.67 -15.85 -32.56
N THR A 212 -3.75 -16.00 -31.79
CA THR A 212 -4.94 -16.72 -32.27
C THR A 212 -5.53 -16.03 -33.49
N ALA A 213 -5.75 -14.72 -33.38
CA ALA A 213 -6.41 -13.96 -34.43
C ALA A 213 -5.63 -14.01 -35.74
N ILE A 214 -4.31 -14.03 -35.65
CA ILE A 214 -3.47 -14.04 -36.84
C ILE A 214 -3.46 -15.41 -37.51
N GLN A 215 -3.31 -16.46 -36.71
CA GLN A 215 -3.22 -17.81 -37.25
C GLN A 215 -4.58 -18.30 -37.75
N GLU A 216 -5.63 -17.64 -37.26
CA GLU A 216 -7.00 -17.99 -37.60
C GLU A 216 -7.41 -17.44 -38.96
N SER A 217 -6.91 -16.25 -39.28
CA SER A 217 -7.32 -15.54 -40.49
C SER A 217 -6.62 -16.05 -41.74
N ASN A 218 -7.42 -16.35 -42.77
CA ASN A 218 -6.87 -16.92 -44.00
C ASN A 218 -6.07 -15.91 -44.83
N GLN A 219 -6.69 -14.79 -45.18
CA GLN A 219 -6.03 -13.82 -46.06
C GLN A 219 -5.33 -12.68 -45.30
N GLY A 220 -5.60 -12.57 -43.99
CA GLY A 220 -4.90 -11.62 -43.17
C GLY A 220 -5.76 -10.52 -42.58
N ALA A 221 -7.05 -10.55 -42.90
CA ALA A 221 -8.00 -9.62 -42.30
C ALA A 221 -8.58 -10.23 -41.02
N PHE A 222 -9.04 -9.39 -40.11
CA PHE A 222 -9.62 -9.87 -38.86
C PHE A 222 -11.14 -9.80 -38.89
N ALA A 223 -11.78 -10.91 -38.54
CA ALA A 223 -13.24 -10.95 -38.48
C ALA A 223 -13.75 -9.92 -37.47
N SER A 224 -13.03 -9.81 -36.36
CA SER A 224 -13.35 -8.80 -35.35
C SER A 224 -12.10 -8.03 -34.96
N PRO A 225 -12.11 -6.72 -35.23
CA PRO A 225 -11.00 -5.79 -34.95
C PRO A 225 -10.38 -6.03 -33.56
N ILE A 226 -9.06 -6.01 -33.50
CA ILE A 226 -8.36 -6.14 -32.22
C ILE A 226 -8.12 -4.77 -31.63
N GLN A 227 -8.47 -4.59 -30.36
CA GLN A 227 -8.30 -3.30 -29.69
C GLN A 227 -6.93 -3.20 -29.01
N LEU A 228 -6.22 -2.11 -29.32
CA LEU A 228 -4.94 -1.81 -28.67
C LEU A 228 -4.96 -0.36 -28.20
N GLN A 229 -3.90 0.05 -27.51
CA GLN A 229 -3.82 1.41 -27.01
C GLN A 229 -2.53 2.10 -27.43
N ARG A 230 -2.64 3.40 -27.72
N ARG A 230 -2.63 3.39 -27.73
CA ARG A 230 -1.47 4.22 -28.03
CA ARG A 230 -1.45 4.19 -28.03
C ARG A 230 -0.78 4.60 -26.71
C ARG A 230 -0.80 4.64 -26.71
N ARG A 231 0.38 5.23 -26.81
CA ARG A 231 1.12 5.67 -25.63
C ARG A 231 0.23 6.47 -24.67
N ASN A 232 -0.57 7.37 -25.23
CA ASN A 232 -1.42 8.24 -24.42
C ASN A 232 -2.64 7.55 -23.83
N GLY A 233 -2.80 6.27 -24.14
CA GLY A 233 -3.88 5.49 -23.57
C GLY A 233 -5.12 5.41 -24.46
N SER A 234 -5.17 6.24 -25.49
CA SER A 234 -6.30 6.23 -26.42
C SER A 234 -6.36 4.90 -27.15
N LYS A 235 -7.57 4.37 -27.29
CA LYS A 235 -7.77 3.08 -27.94
C LYS A 235 -7.83 3.22 -29.45
N PHE A 236 -7.30 2.22 -30.16
CA PHE A 236 -7.42 2.15 -31.61
C PHE A 236 -7.56 0.70 -32.05
N SER A 237 -8.38 0.46 -33.07
CA SER A 237 -8.69 -0.89 -33.51
C SER A 237 -7.82 -1.34 -34.69
N VAL A 238 -7.51 -2.63 -34.73
CA VAL A 238 -6.67 -3.20 -35.77
C VAL A 238 -7.48 -4.19 -36.60
N TYR A 239 -7.59 -3.91 -37.91
CA TYR A 239 -8.48 -4.68 -38.78
C TYR A 239 -7.76 -5.72 -39.65
N ASP A 240 -6.44 -5.66 -39.70
CA ASP A 240 -5.65 -6.63 -40.46
C ASP A 240 -4.21 -6.71 -39.99
N VAL A 241 -3.49 -7.73 -40.48
CA VAL A 241 -2.18 -8.08 -39.96
C VAL A 241 -1.03 -7.15 -40.36
N SER A 242 -1.28 -6.26 -41.33
CA SER A 242 -0.21 -5.38 -41.82
C SER A 242 0.49 -4.59 -40.72
N ILE A 243 -0.30 -3.90 -39.90
CA ILE A 243 0.23 -3.07 -38.81
C ILE A 243 0.97 -3.90 -37.77
N LEU A 244 0.56 -5.16 -37.61
CA LEU A 244 1.09 -6.02 -36.56
C LEU A 244 2.45 -6.62 -36.91
N ILE A 245 2.72 -6.79 -38.20
CA ILE A 245 3.93 -7.48 -38.62
C ILE A 245 5.22 -6.86 -38.06
N PRO A 246 5.33 -5.51 -38.07
CA PRO A 246 6.51 -4.86 -37.48
C PRO A 246 6.45 -4.76 -35.96
N ILE A 247 5.32 -5.08 -35.36
CA ILE A 247 5.15 -4.97 -33.91
C ILE A 247 5.45 -6.28 -33.19
N ILE A 248 5.08 -7.40 -33.81
CA ILE A 248 5.23 -8.71 -33.19
C ILE A 248 6.40 -9.49 -33.80
N ALA A 249 7.28 -10.00 -32.94
CA ALA A 249 8.44 -10.75 -33.39
C ALA A 249 8.16 -12.26 -33.49
N LEU A 250 7.27 -12.74 -32.63
CA LEU A 250 6.88 -14.15 -32.68
C LEU A 250 5.58 -14.44 -31.94
N MET A 251 4.93 -15.55 -32.32
CA MET A 251 3.64 -15.95 -31.80
C MET A 251 3.70 -17.32 -31.14
N VAL A 252 2.79 -17.57 -30.20
CA VAL A 252 2.65 -18.90 -29.64
C VAL A 252 1.87 -19.75 -30.65
N TYR A 253 2.21 -21.02 -30.76
CA TYR A 253 1.51 -21.92 -31.66
C TYR A 253 0.05 -22.04 -31.24
N ARG A 254 -0.86 -21.77 -32.17
CA ARG A 254 -2.29 -21.87 -31.89
C ARG A 254 -2.94 -22.99 -32.70
N CYS A 255 -2.75 -22.96 -34.01
CA CYS A 255 -3.26 -24.03 -34.86
C CYS A 255 -2.33 -24.30 -36.04
N ALA A 256 -2.59 -25.40 -36.73
CA ALA A 256 -1.79 -25.77 -37.90
C ALA A 256 -2.10 -24.81 -39.04
N PRO A 257 -1.13 -24.63 -39.95
CA PRO A 257 -1.36 -23.81 -41.15
C PRO A 257 -2.01 -24.61 -42.27
N GLN B 1 -14.33 -9.90 -22.83
CA GLN B 1 -14.28 -9.88 -21.38
C GLN B 1 -15.00 -11.07 -20.75
N LEU B 2 -14.38 -11.67 -19.75
CA LEU B 2 -15.02 -12.72 -18.96
C LEU B 2 -15.30 -12.19 -17.57
N VAL B 3 -16.54 -12.33 -17.12
CA VAL B 3 -16.92 -11.85 -15.79
C VAL B 3 -17.46 -12.98 -14.92
N GLU B 4 -16.84 -13.19 -13.76
CA GLU B 4 -17.27 -14.24 -12.84
C GLU B 4 -18.22 -13.71 -11.78
N THR B 5 -19.16 -14.56 -11.37
CA THR B 5 -20.06 -14.27 -10.26
C THR B 5 -20.36 -15.57 -9.53
N GLY B 6 -21.15 -15.47 -8.46
CA GLY B 6 -21.52 -16.64 -7.69
C GLY B 6 -20.94 -16.63 -6.29
N VAL B 10 -19.35 -19.90 2.64
CA VAL B 10 -20.10 -21.16 2.70
C VAL B 10 -19.58 -22.05 3.82
N GLN B 11 -20.47 -22.83 4.43
CA GLN B 11 -20.10 -23.71 5.53
C GLN B 11 -19.57 -25.04 5.01
N SER B 12 -18.66 -25.65 5.77
CA SER B 12 -18.04 -26.91 5.37
C SER B 12 -19.08 -27.98 5.04
N GLY B 13 -19.26 -28.24 3.75
CA GLY B 13 -20.24 -29.21 3.29
C GLY B 13 -21.25 -28.58 2.37
N GLY B 14 -21.32 -27.25 2.39
CA GLY B 14 -22.25 -26.51 1.56
C GLY B 14 -21.85 -26.50 0.10
N SER B 15 -22.54 -25.68 -0.69
CA SER B 15 -22.26 -25.60 -2.12
C SER B 15 -22.32 -24.17 -2.65
N LEU B 16 -21.78 -23.99 -3.84
CA LEU B 16 -21.83 -22.70 -4.54
C LEU B 16 -21.89 -22.92 -6.05
N ARG B 17 -22.40 -21.93 -6.78
CA ARG B 17 -22.49 -22.02 -8.22
C ARG B 17 -21.78 -20.83 -8.88
N LEU B 18 -20.58 -21.08 -9.39
CA LEU B 18 -19.82 -20.04 -10.07
C LEU B 18 -20.25 -19.86 -11.51
N SER B 19 -20.28 -18.62 -11.97
CA SER B 19 -20.67 -18.31 -13.34
C SER B 19 -19.62 -17.44 -14.03
N CYS B 20 -19.40 -17.72 -15.32
CA CYS B 20 -18.43 -16.97 -16.10
C CYS B 20 -19.10 -16.50 -17.40
N ALA B 21 -19.41 -15.21 -17.47
CA ALA B 21 -20.12 -14.67 -18.62
C ALA B 21 -19.18 -13.93 -19.58
N ALA B 22 -19.26 -14.29 -20.86
CA ALA B 22 -18.44 -13.64 -21.87
C ALA B 22 -19.21 -12.51 -22.56
N SER B 23 -18.58 -11.34 -22.63
CA SER B 23 -19.17 -10.20 -23.30
C SER B 23 -18.36 -9.84 -24.55
N GLY B 24 -19.04 -9.70 -25.68
CA GLY B 24 -18.40 -9.35 -26.93
C GLY B 24 -18.28 -10.51 -27.90
N PHE B 25 -17.97 -11.70 -27.37
CA PHE B 25 -17.81 -12.89 -28.19
C PHE B 25 -18.54 -14.08 -27.58
N THR B 26 -18.60 -15.18 -28.32
CA THR B 26 -19.32 -16.36 -27.85
C THR B 26 -18.38 -17.47 -27.38
N LEU B 27 -18.70 -18.03 -26.21
CA LEU B 27 -17.86 -19.06 -25.58
C LEU B 27 -18.03 -20.43 -26.25
N ASP B 28 -18.95 -20.54 -27.19
CA ASP B 28 -19.24 -21.81 -27.85
C ASP B 28 -17.99 -22.47 -28.42
N ASN B 29 -17.17 -21.68 -29.10
CA ASN B 29 -16.02 -22.21 -29.82
C ASN B 29 -14.71 -22.16 -29.02
N TYR B 30 -14.83 -21.96 -27.72
CA TYR B 30 -13.65 -21.81 -26.86
C TYR B 30 -13.52 -22.94 -25.85
N ASN B 31 -12.28 -23.37 -25.60
CA ASN B 31 -11.98 -24.21 -24.46
C ASN B 31 -12.02 -23.35 -23.20
N ILE B 32 -12.83 -23.75 -22.23
CA ILE B 32 -13.01 -22.96 -21.01
C ILE B 32 -12.57 -23.75 -19.80
N GLY B 33 -11.84 -23.10 -18.90
CA GLY B 33 -11.41 -23.75 -17.68
C GLY B 33 -11.57 -22.87 -16.45
N TRP B 34 -11.87 -23.48 -15.31
CA TRP B 34 -11.86 -22.79 -14.04
C TRP B 34 -10.57 -23.16 -13.32
N PHE B 35 -9.97 -22.18 -12.63
CA PHE B 35 -8.66 -22.40 -12.00
C PHE B 35 -8.61 -21.85 -10.58
N ARG B 36 -7.63 -22.33 -9.81
CA ARG B 36 -7.38 -21.83 -8.46
C ARG B 36 -6.11 -20.98 -8.42
N GLN B 37 -6.12 -19.95 -7.59
CA GLN B 37 -4.98 -19.07 -7.44
C GLN B 37 -3.78 -19.80 -6.80
N ALA B 38 -4.08 -20.81 -6.00
CA ALA B 38 -3.03 -21.57 -5.30
C ALA B 38 -3.39 -23.04 -5.14
N PRO B 39 -3.11 -23.85 -6.18
CA PRO B 39 -3.48 -25.27 -6.23
C PRO B 39 -2.66 -26.12 -5.25
N GLY B 40 -1.50 -25.62 -4.83
CA GLY B 40 -0.66 -26.33 -3.90
C GLY B 40 0.07 -27.51 -4.53
N LYS B 41 -0.34 -28.72 -4.16
CA LYS B 41 0.31 -29.94 -4.65
C LYS B 41 -0.33 -30.44 -5.94
N GLU B 42 -1.46 -29.85 -6.31
CA GLU B 42 -2.12 -30.21 -7.56
C GLU B 42 -1.84 -29.17 -8.65
N TYR B 43 -2.07 -29.55 -9.91
CA TYR B 43 -1.79 -28.67 -11.03
C TYR B 43 -2.96 -28.60 -11.99
N GLY B 44 -2.96 -27.60 -12.85
CA GLY B 44 -3.98 -27.45 -13.87
C GLY B 44 -5.32 -26.94 -13.35
N GLY B 45 -6.33 -27.00 -14.21
CA GLY B 45 -7.63 -26.45 -13.88
C GLY B 45 -8.36 -27.25 -12.81
N VAL B 46 -9.41 -26.65 -12.29
CA VAL B 46 -10.31 -27.33 -11.36
C VAL B 46 -11.27 -28.18 -12.18
N SER B 47 -11.75 -27.60 -13.27
CA SER B 47 -12.66 -28.28 -14.19
C SER B 47 -12.62 -27.55 -15.53
N CYS B 48 -12.68 -28.30 -16.62
CA CYS B 48 -12.59 -27.71 -17.96
C CYS B 48 -13.60 -28.32 -18.93
N ILE B 49 -13.98 -27.56 -19.94
CA ILE B 49 -14.88 -28.05 -20.97
C ILE B 49 -14.35 -27.79 -22.37
N SER B 50 -14.40 -28.81 -23.22
CA SER B 50 -13.84 -28.74 -24.56
C SER B 50 -14.66 -27.85 -25.49
N SER B 51 -13.98 -27.24 -26.46
CA SER B 51 -14.63 -26.39 -27.45
C SER B 51 -15.35 -27.23 -28.50
N ASP B 53 -17.64 -29.97 -27.89
CA ASP B 53 -17.17 -31.22 -28.47
C ASP B 53 -17.76 -32.50 -27.86
N GLY B 54 -18.11 -32.49 -26.57
CA GLY B 54 -17.86 -31.39 -25.66
C GLY B 54 -17.38 -31.96 -24.33
N SER B 55 -16.28 -32.71 -24.40
CA SER B 55 -15.74 -33.42 -23.26
C SER B 55 -15.38 -32.49 -22.10
N THR B 56 -15.35 -33.05 -20.90
CA THR B 56 -15.01 -32.30 -19.70
C THR B 56 -13.85 -32.95 -18.95
N TYR B 57 -13.06 -32.11 -18.27
CA TYR B 57 -12.00 -32.59 -17.40
C TYR B 57 -12.26 -32.17 -15.97
N TYR B 58 -11.88 -33.03 -15.02
CA TYR B 58 -12.00 -32.72 -13.60
C TYR B 58 -10.75 -33.14 -12.85
N ALA B 59 -10.26 -32.24 -11.99
CA ALA B 59 -9.15 -32.58 -11.11
C ALA B 59 -9.60 -33.68 -10.15
N ASP B 60 -8.75 -34.69 -9.97
CA ASP B 60 -9.08 -35.81 -9.10
C ASP B 60 -9.73 -35.35 -7.80
N SER B 61 -9.22 -34.26 -7.23
CA SER B 61 -9.67 -33.78 -5.93
C SER B 61 -11.12 -33.28 -5.93
N VAL B 62 -11.67 -33.02 -7.11
CA VAL B 62 -13.03 -32.50 -7.19
C VAL B 62 -14.00 -33.45 -7.90
N LYS B 63 -13.50 -34.61 -8.34
CA LYS B 63 -14.34 -35.59 -9.00
C LYS B 63 -15.50 -36.02 -8.11
N GLY B 64 -16.70 -36.01 -8.67
CA GLY B 64 -17.89 -36.41 -7.94
C GLY B 64 -18.53 -35.24 -7.20
N ARG B 65 -17.77 -34.15 -7.07
CA ARG B 65 -18.25 -32.98 -6.34
C ARG B 65 -18.60 -31.82 -7.28
N PHE B 66 -17.70 -31.54 -8.22
CA PHE B 66 -17.84 -30.38 -9.11
C PHE B 66 -18.36 -30.79 -10.47
N THR B 67 -19.18 -29.93 -11.07
CA THR B 67 -19.66 -30.12 -12.43
C THR B 67 -19.62 -28.82 -13.20
N ILE B 68 -18.99 -28.84 -14.37
CA ILE B 68 -18.90 -27.67 -15.23
C ILE B 68 -19.86 -27.83 -16.41
N SER B 69 -20.49 -26.73 -16.81
CA SER B 69 -21.48 -26.78 -17.88
C SER B 69 -21.51 -25.51 -18.73
N ARG B 70 -22.10 -25.62 -19.91
CA ARG B 70 -22.24 -24.48 -20.81
C ARG B 70 -23.70 -24.11 -21.02
N ASP B 71 -23.97 -22.81 -21.03
CA ASP B 71 -25.28 -22.32 -21.42
C ASP B 71 -25.13 -21.41 -22.63
N ASN B 72 -24.95 -22.04 -23.81
CA ASN B 72 -24.74 -21.31 -25.05
C ASN B 72 -25.67 -20.12 -25.21
N ALA B 73 -26.94 -20.31 -24.87
CA ALA B 73 -27.94 -19.25 -24.98
C ALA B 73 -27.47 -17.97 -24.31
N LYS B 74 -27.50 -17.95 -22.98
CA LYS B 74 -27.08 -16.78 -22.22
C LYS B 74 -25.59 -16.52 -22.39
N ASN B 75 -24.91 -17.48 -23.03
CA ASN B 75 -23.48 -17.35 -23.34
C ASN B 75 -22.58 -17.28 -22.10
N THR B 76 -22.80 -18.21 -21.17
CA THR B 76 -21.94 -18.29 -19.99
C THR B 76 -21.58 -19.73 -19.67
N VAL B 77 -20.67 -19.91 -18.73
CA VAL B 77 -20.27 -21.24 -18.28
C VAL B 77 -20.39 -21.35 -16.77
N TYR B 78 -20.98 -22.43 -16.30
CA TYR B 78 -21.25 -22.60 -14.88
C TYR B 78 -20.34 -23.65 -14.23
N LEU B 79 -19.97 -23.39 -12.99
CA LEU B 79 -19.26 -24.38 -12.19
C LEU B 79 -20.08 -24.69 -10.93
N GLN B 80 -20.60 -25.91 -10.86
CA GLN B 80 -21.35 -26.33 -9.68
C GLN B 80 -20.39 -26.95 -8.67
N MET B 81 -20.35 -26.37 -7.47
CA MET B 81 -19.42 -26.82 -6.44
C MET B 81 -20.15 -27.41 -5.23
N ASN B 82 -20.27 -28.73 -5.19
CA ASN B 82 -20.94 -29.41 -4.08
C ASN B 82 -19.96 -29.96 -3.05
N ASN B 83 -20.48 -30.24 -1.86
CA ASN B 83 -19.68 -30.81 -0.78
C ASN B 83 -18.35 -30.09 -0.58
N LEU B 84 -18.44 -28.80 -0.28
CA LEU B 84 -17.23 -27.98 -0.14
C LEU B 84 -16.48 -28.22 1.16
N LYS B 85 -15.16 -28.04 1.10
CA LYS B 85 -14.30 -28.24 2.26
C LYS B 85 -13.45 -26.99 2.53
N PRO B 86 -12.87 -26.91 3.73
CA PRO B 86 -11.99 -25.77 4.08
C PRO B 86 -10.84 -25.62 3.08
N GLU B 87 -10.32 -26.74 2.61
CA GLU B 87 -9.14 -26.74 1.73
C GLU B 87 -9.47 -26.20 0.34
N ASP B 88 -10.74 -26.07 0.02
CA ASP B 88 -11.17 -25.54 -1.27
C ASP B 88 -11.14 -24.02 -1.28
N THR B 89 -10.93 -23.43 -0.11
CA THR B 89 -10.86 -21.97 0.01
C THR B 89 -9.77 -21.40 -0.90
N ASP B 90 -10.18 -20.56 -1.84
CA ASP B 90 -9.22 -19.96 -2.77
C ASP B 90 -9.89 -18.95 -3.69
N VAL B 91 -9.07 -18.28 -4.50
CA VAL B 91 -9.58 -17.42 -5.56
C VAL B 91 -9.74 -18.24 -6.84
N TYR B 92 -10.96 -18.30 -7.34
CA TYR B 92 -11.23 -19.05 -8.57
C TYR B 92 -11.46 -18.10 -9.74
N TYR B 93 -10.90 -18.43 -10.90
CA TYR B 93 -11.05 -17.58 -12.06
C TYR B 93 -11.32 -18.35 -13.35
N CYS B 94 -11.85 -17.63 -14.34
CA CYS B 94 -12.24 -18.21 -15.61
C CYS B 94 -11.22 -17.87 -16.69
N ALA B 95 -10.87 -18.85 -17.52
CA ALA B 95 -9.94 -18.61 -18.63
C ALA B 95 -10.39 -19.35 -19.89
N ALA B 96 -10.23 -18.69 -21.03
CA ALA B 96 -10.66 -19.26 -22.30
C ALA B 96 -9.56 -19.20 -23.34
N THR B 97 -9.44 -20.29 -24.10
CA THR B 97 -8.51 -20.36 -25.22
C THR B 97 -9.19 -21.08 -26.38
N LYS B 98 -9.08 -20.51 -27.58
CA LYS B 98 -9.86 -21.01 -28.71
C LYS B 98 -9.45 -22.39 -29.20
N TYR B 99 -8.14 -22.66 -29.20
CA TYR B 99 -7.64 -23.94 -29.68
C TYR B 99 -6.83 -24.65 -28.60
N GLY B 100 -6.41 -25.87 -28.88
CA GLY B 100 -5.63 -26.66 -27.95
C GLY B 100 -6.48 -27.51 -27.03
N SER B 101 -5.86 -28.01 -25.96
CA SER B 101 -6.51 -28.94 -25.03
C SER B 101 -7.71 -28.32 -24.31
N SER B 102 -8.56 -29.19 -23.75
CA SER B 102 -9.78 -28.76 -23.07
C SER B 102 -9.50 -27.80 -21.91
N CYS B 103 -8.35 -27.96 -21.26
CA CYS B 103 -7.95 -27.04 -20.21
C CYS B 103 -7.00 -25.99 -20.78
N PRO B 104 -7.46 -24.73 -20.83
CA PRO B 104 -6.63 -23.64 -21.36
C PRO B 104 -5.26 -23.59 -20.70
N ILE B 105 -4.21 -23.47 -21.51
CA ILE B 105 -2.86 -23.25 -21.02
C ILE B 105 -2.48 -21.81 -21.30
N ARG B 106 -1.65 -21.22 -20.46
CA ARG B 106 -1.12 -19.89 -20.72
C ARG B 106 -0.21 -19.94 -21.94
N PRO B 107 -0.26 -18.91 -22.78
CA PRO B 107 -1.09 -17.71 -22.60
C PRO B 107 -2.55 -17.92 -22.97
N TYR B 108 -3.44 -17.37 -22.17
CA TYR B 108 -4.87 -17.42 -22.46
C TYR B 108 -5.24 -16.38 -23.50
N ASP B 109 -6.32 -16.61 -24.23
CA ASP B 109 -6.88 -15.59 -25.11
C ASP B 109 -7.63 -14.60 -24.25
N TYR B 110 -8.46 -15.11 -23.35
CA TYR B 110 -9.23 -14.30 -22.43
C TYR B 110 -9.27 -14.92 -21.03
N TRP B 111 -9.35 -14.07 -20.01
CA TRP B 111 -9.47 -14.53 -18.64
C TRP B 111 -10.21 -13.50 -17.80
N GLY B 112 -10.74 -13.94 -16.66
CA GLY B 112 -11.50 -13.05 -15.80
C GLY B 112 -10.73 -12.64 -14.56
N GLN B 113 -11.36 -11.80 -13.74
CA GLN B 113 -10.71 -11.28 -12.53
C GLN B 113 -10.73 -12.31 -11.41
N GLY B 114 -11.70 -13.22 -11.46
CA GLY B 114 -11.81 -14.27 -10.46
C GLY B 114 -12.55 -13.84 -9.21
N THR B 115 -13.05 -14.80 -8.47
CA THR B 115 -13.78 -14.53 -7.24
C THR B 115 -13.27 -15.37 -6.07
N GLN B 116 -13.50 -14.88 -4.86
CA GLN B 116 -13.04 -15.56 -3.65
C GLN B 116 -14.05 -16.59 -3.14
N VAL B 117 -13.55 -17.71 -2.67
CA VAL B 117 -14.38 -18.76 -2.09
C VAL B 117 -13.76 -19.26 -0.79
N THR B 118 -14.51 -19.15 0.31
CA THR B 118 -13.98 -19.55 1.62
C THR B 118 -14.83 -20.64 2.27
N GLN C 1 -24.32 25.04 23.45
CA GLN C 1 -24.10 26.45 23.16
C GLN C 1 -23.04 26.64 22.09
N TYR C 2 -21.94 25.90 22.20
CA TYR C 2 -21.01 25.78 21.10
C TYR C 2 -21.75 25.09 19.96
N PRO C 3 -21.28 25.26 18.71
CA PRO C 3 -21.99 24.67 17.56
C PRO C 3 -22.00 23.15 17.62
N ILE C 4 -23.15 22.55 17.32
CA ILE C 4 -23.28 21.09 17.31
C ILE C 4 -23.42 20.53 15.89
N ILE C 5 -22.59 19.53 15.59
CA ILE C 5 -22.72 18.79 14.33
C ILE C 5 -23.08 17.33 14.62
N ASN C 6 -24.09 16.83 13.93
CA ASN C 6 -24.59 15.47 14.16
C ASN C 6 -24.18 14.47 13.10
N PHE C 7 -23.82 13.27 13.53
CA PHE C 7 -23.62 12.14 12.62
C PHE C 7 -24.18 10.85 13.20
N THR C 8 -24.73 10.00 12.33
CA THR C 8 -25.17 8.69 12.76
C THR C 8 -24.62 7.59 11.86
N THR C 9 -24.22 6.48 12.47
CA THR C 9 -23.71 5.33 11.74
C THR C 9 -24.86 4.45 11.27
N ALA C 10 -26.07 4.75 11.74
CA ALA C 10 -27.26 4.00 11.35
C ALA C 10 -27.67 4.39 9.94
N GLY C 11 -27.31 3.55 8.96
CA GLY C 11 -27.62 3.82 7.58
C GLY C 11 -26.68 4.83 6.94
N ALA C 12 -25.47 4.94 7.47
CA ALA C 12 -24.49 5.89 6.93
C ALA C 12 -24.16 5.60 5.47
N THR C 13 -24.00 6.65 4.69
CA THR C 13 -23.60 6.51 3.29
C THR C 13 -22.40 7.41 2.98
N VAL C 14 -21.77 7.18 1.85
CA VAL C 14 -20.69 8.03 1.38
C VAL C 14 -21.12 9.48 1.47
N GLN C 15 -22.36 9.73 1.06
CA GLN C 15 -22.90 11.09 1.04
C GLN C 15 -23.07 11.68 2.44
N SER C 16 -23.68 10.92 3.35
CA SER C 16 -23.94 11.42 4.69
C SER C 16 -22.65 11.64 5.47
N TYR C 17 -21.65 10.80 5.23
CA TYR C 17 -20.35 10.97 5.85
C TYR C 17 -19.67 12.23 5.33
N THR C 18 -19.67 12.39 4.01
CA THR C 18 -19.07 13.57 3.39
C THR C 18 -19.75 14.86 3.84
N ASN C 19 -21.08 14.85 3.87
CA ASN C 19 -21.84 15.99 4.39
C ASN C 19 -21.40 16.34 5.81
N PHE C 20 -21.18 15.30 6.61
CA PHE C 20 -20.78 15.45 8.00
C PHE C 20 -19.40 16.10 8.12
N ILE C 21 -18.43 15.54 7.40
CA ILE C 21 -17.07 16.04 7.45
C ILE C 21 -16.98 17.46 6.91
N ARG C 22 -17.73 17.75 5.86
CA ARG C 22 -17.76 19.11 5.32
C ARG C 22 -18.35 20.11 6.32
N ALA C 23 -19.37 19.68 7.07
CA ALA C 23 -19.99 20.53 8.08
C ALA C 23 -19.02 20.75 9.25
N VAL C 24 -18.24 19.73 9.57
CA VAL C 24 -17.24 19.84 10.61
C VAL C 24 -16.17 20.86 10.22
N ARG C 25 -15.64 20.73 9.01
CA ARG C 25 -14.66 21.69 8.52
C ARG C 25 -15.24 23.11 8.52
N GLY C 26 -16.52 23.21 8.18
CA GLY C 26 -17.19 24.49 8.14
C GLY C 26 -17.24 25.17 9.51
N ARG C 27 -17.31 24.37 10.57
CA ARG C 27 -17.36 24.90 11.93
C ARG C 27 -15.98 25.12 12.52
N LEU C 28 -14.99 24.38 12.02
CA LEU C 28 -13.62 24.50 12.51
C LEU C 28 -12.97 25.83 12.09
N THR C 29 -13.34 26.30 10.90
CA THR C 29 -12.75 27.52 10.39
C THR C 29 -13.66 28.23 9.40
N THR C 30 -13.59 29.55 9.38
CA THR C 30 -14.40 30.38 8.50
C THR C 30 -13.87 30.33 7.07
N GLY C 31 -12.59 29.99 6.92
CA GLY C 31 -11.97 29.96 5.61
C GLY C 31 -11.56 31.33 5.14
N ALA C 32 -11.51 32.30 6.06
CA ALA C 32 -11.08 33.65 5.74
C ALA C 32 -9.57 33.65 5.54
N ASP C 33 -8.88 32.72 6.19
CA ASP C 33 -7.44 32.58 6.07
C ASP C 33 -7.10 31.35 5.24
N VAL C 34 -6.71 31.57 4.00
CA VAL C 34 -6.38 30.49 3.07
C VAL C 34 -5.00 30.70 2.47
N ARG C 35 -4.12 29.70 2.60
CA ARG C 35 -2.79 29.79 2.00
C ARG C 35 -2.65 28.74 0.91
N HIS C 36 -2.31 29.15 -0.30
CA HIS C 36 -2.17 28.23 -1.41
C HIS C 36 -3.39 27.31 -1.49
N GLU C 37 -4.57 27.91 -1.36
CA GLU C 37 -5.84 27.21 -1.50
C GLU C 37 -6.20 26.26 -0.36
N ILE C 38 -5.36 26.23 0.68
CA ILE C 38 -5.63 25.40 1.85
C ILE C 38 -6.02 26.26 3.05
N PRO C 39 -7.24 26.07 3.56
CA PRO C 39 -7.76 26.82 4.71
C PRO C 39 -6.91 26.61 5.97
N VAL C 40 -6.76 27.66 6.75
CA VAL C 40 -5.98 27.60 7.98
C VAL C 40 -6.92 27.73 9.16
N LEU C 41 -6.71 26.92 10.19
CA LEU C 41 -7.48 27.03 11.41
C LEU C 41 -7.18 28.36 12.11
N PRO C 42 -8.17 28.89 12.85
CA PRO C 42 -7.95 30.16 13.56
C PRO C 42 -6.73 30.11 14.48
N ASN C 43 -6.03 31.23 14.54
CA ASN C 43 -4.91 31.41 15.47
C ASN C 43 -5.42 31.34 16.90
N ARG C 44 -4.75 30.54 17.72
CA ARG C 44 -5.07 30.45 19.15
C ARG C 44 -4.96 31.82 19.82
N VAL C 45 -4.01 32.63 19.38
CA VAL C 45 -3.90 33.99 19.88
C VAL C 45 -4.93 34.86 19.17
N GLY C 46 -5.89 35.38 19.95
CA GLY C 46 -6.95 36.18 19.39
C GLY C 46 -8.31 35.49 19.42
N LEU C 47 -8.32 34.20 19.77
CA LEU C 47 -9.56 33.41 19.77
C LEU C 47 -10.27 33.42 21.13
N PRO C 48 -11.46 34.02 21.17
CA PRO C 48 -12.27 34.12 22.40
C PRO C 48 -12.76 32.76 22.87
N ILE C 49 -12.91 32.60 24.17
CA ILE C 49 -13.27 31.30 24.73
C ILE C 49 -14.63 30.80 24.22
N ASN C 50 -15.52 31.71 23.89
CA ASN C 50 -16.84 31.33 23.38
C ASN C 50 -16.85 30.92 21.91
N GLN C 51 -15.68 30.84 21.29
CA GLN C 51 -15.54 30.38 19.92
C GLN C 51 -14.50 29.28 19.85
N ARG C 52 -14.13 28.74 21.02
CA ARG C 52 -12.99 27.85 21.12
C ARG C 52 -13.29 26.40 20.72
N PHE C 53 -14.53 25.96 20.92
CA PHE C 53 -14.86 24.55 20.72
C PHE C 53 -16.04 24.33 19.79
N ILE C 54 -16.08 23.15 19.17
CA ILE C 54 -17.28 22.68 18.48
C ILE C 54 -17.62 21.30 19.02
N LEU C 55 -18.89 20.94 18.94
CA LEU C 55 -19.36 19.67 19.47
C LEU C 55 -19.82 18.72 18.36
N VAL C 56 -19.32 17.49 18.40
CA VAL C 56 -19.71 16.48 17.44
C VAL C 56 -20.55 15.39 18.13
N GLU C 57 -21.85 15.39 17.87
CA GLU C 57 -22.74 14.42 18.48
C GLU C 57 -22.87 13.19 17.61
N LEU C 58 -22.44 12.04 18.14
CA LEU C 58 -22.49 10.78 17.42
C LEU C 58 -23.59 9.86 17.93
N SER C 59 -24.31 9.24 17.00
CA SER C 59 -25.33 8.23 17.31
C SER C 59 -25.09 6.95 16.52
N ASN C 60 -25.60 5.83 17.02
CA ASN C 60 -25.48 4.55 16.31
C ASN C 60 -26.84 3.85 16.21
N HIS C 61 -26.81 2.59 15.77
CA HIS C 61 -28.04 1.82 15.61
C HIS C 61 -28.81 1.63 16.91
N ALA C 62 -28.07 1.54 18.01
CA ALA C 62 -28.67 1.33 19.32
C ALA C 62 -29.27 2.62 19.86
N GLU C 63 -29.10 3.69 19.09
CA GLU C 63 -29.58 5.01 19.48
C GLU C 63 -28.83 5.53 20.71
N LEU C 64 -27.64 5.00 20.92
CA LEU C 64 -26.75 5.54 21.93
C LEU C 64 -26.05 6.75 21.32
N SER C 65 -25.80 7.75 22.15
CA SER C 65 -25.28 9.01 21.66
C SER C 65 -24.17 9.50 22.59
N VAL C 66 -23.08 9.99 21.99
CA VAL C 66 -22.03 10.67 22.75
C VAL C 66 -21.63 11.95 22.02
N THR C 67 -21.17 12.93 22.78
CA THR C 67 -20.79 14.20 22.19
C THR C 67 -19.32 14.48 22.41
N LEU C 68 -18.57 14.52 21.32
CA LEU C 68 -17.15 14.87 21.35
C LEU C 68 -16.98 16.38 21.30
N ALA C 69 -15.99 16.88 22.06
CA ALA C 69 -15.64 18.29 21.99
C ALA C 69 -14.33 18.44 21.22
N LEU C 70 -14.33 19.30 20.21
CA LEU C 70 -13.13 19.52 19.41
C LEU C 70 -12.62 20.95 19.56
N ASP C 71 -11.31 21.08 19.72
CA ASP C 71 -10.64 22.37 19.81
C ASP C 71 -10.50 22.93 18.39
N VAL C 72 -11.02 24.13 18.20
N VAL C 72 -11.05 24.10 18.13
CA VAL C 72 -11.08 24.77 16.88
CA VAL C 72 -11.04 24.62 16.76
C VAL C 72 -9.72 25.19 16.34
C VAL C 72 -9.66 25.07 16.28
N THR C 73 -8.73 25.28 17.21
CA THR C 73 -7.39 25.73 16.83
C THR C 73 -6.53 24.59 16.28
N ASN C 74 -6.93 23.35 16.53
CA ASN C 74 -6.13 22.21 16.08
C ASN C 74 -6.93 20.95 15.73
N ALA C 75 -8.24 21.03 15.89
CA ALA C 75 -9.14 19.92 15.57
C ALA C 75 -8.97 18.69 16.46
N TYR C 76 -8.23 18.85 17.56
CA TYR C 76 -8.05 17.76 18.53
C TYR C 76 -9.33 17.51 19.32
N VAL C 77 -9.64 16.25 19.57
CA VAL C 77 -10.69 15.89 20.52
C VAL C 77 -10.15 16.09 21.93
N VAL C 78 -10.81 16.91 22.73
CA VAL C 78 -10.32 17.19 24.07
C VAL C 78 -11.09 16.45 25.16
N GLY C 79 -12.28 15.95 24.83
CA GLY C 79 -13.08 15.20 25.78
C GLY C 79 -14.43 14.86 25.19
N TYR C 80 -15.30 14.27 26.01
CA TYR C 80 -16.64 13.94 25.55
C TYR C 80 -17.68 13.88 26.67
N ARG C 81 -18.95 14.00 26.28
CA ARG C 81 -20.04 13.86 27.22
C ARG C 81 -20.86 12.63 26.86
N ALA C 82 -21.33 11.93 27.88
CA ALA C 82 -22.27 10.83 27.69
C ALA C 82 -23.25 10.91 28.84
N GLY C 83 -24.49 11.25 28.52
CA GLY C 83 -25.49 11.46 29.55
C GLY C 83 -25.05 12.53 30.52
N ASN C 84 -24.91 12.15 31.78
CA ASN C 84 -24.59 13.11 32.84
C ASN C 84 -23.13 13.05 33.29
N SER C 85 -22.27 12.51 32.43
CA SER C 85 -20.84 12.45 32.73
C SER C 85 -20.03 13.06 31.60
N ALA C 86 -19.02 13.84 31.95
CA ALA C 86 -18.09 14.36 30.96
C ALA C 86 -16.66 13.92 31.30
N TYR C 87 -15.90 13.53 30.27
CA TYR C 87 -14.55 13.02 30.45
C TYR C 87 -13.60 13.80 29.56
N PHE C 88 -12.48 14.24 30.13
CA PHE C 88 -11.49 15.03 29.39
C PHE C 88 -10.10 14.41 29.46
N PHE C 89 -9.38 14.43 28.35
CA PHE C 89 -7.98 14.02 28.35
C PHE C 89 -7.19 14.99 29.21
N HIS C 90 -6.09 14.52 29.78
CA HIS C 90 -5.22 15.38 30.55
C HIS C 90 -4.70 16.50 29.66
N PRO C 91 -4.99 17.76 30.02
CA PRO C 91 -4.63 18.93 29.21
C PRO C 91 -3.12 19.04 28.99
N ASP C 92 -2.73 19.59 27.85
CA ASP C 92 -1.31 19.76 27.53
C ASP C 92 -0.68 20.91 28.31
N ASN C 93 -1.52 21.85 28.76
CA ASN C 93 -1.02 23.01 29.50
C ASN C 93 -2.10 23.64 30.36
N GLN C 94 -1.71 24.66 31.13
CA GLN C 94 -2.61 25.31 32.08
C GLN C 94 -3.72 26.09 31.38
N GLU C 95 -3.41 26.72 30.25
CA GLU C 95 -4.43 27.46 29.50
C GLU C 95 -5.53 26.53 29.01
N ASP C 96 -5.12 25.40 28.42
CA ASP C 96 -6.08 24.42 27.93
C ASP C 96 -6.90 23.84 29.08
N ALA C 97 -6.25 23.64 30.22
CA ALA C 97 -6.91 23.13 31.41
C ALA C 97 -8.04 24.07 31.84
N GLU C 98 -7.76 25.37 31.74
CA GLU C 98 -8.75 26.38 32.10
C GLU C 98 -9.86 26.43 31.07
N ALA C 99 -9.50 26.26 29.80
CA ALA C 99 -10.45 26.36 28.70
C ALA C 99 -11.55 25.30 28.77
N ILE C 100 -11.18 24.07 29.10
CA ILE C 100 -12.16 22.98 29.10
C ILE C 100 -13.20 23.09 30.21
N THR C 101 -12.96 23.94 31.20
CA THR C 101 -13.96 24.18 32.24
C THR C 101 -15.18 24.88 31.64
N HIS C 102 -15.05 25.32 30.39
CA HIS C 102 -16.15 25.96 29.69
C HIS C 102 -16.99 24.95 28.90
N LEU C 103 -16.57 23.68 28.94
CA LEU C 103 -17.26 22.63 28.22
C LEU C 103 -18.25 21.85 29.09
N PHE C 104 -19.40 21.50 28.50
CA PHE C 104 -20.42 20.72 29.18
C PHE C 104 -20.60 21.19 30.63
N THR C 105 -20.97 22.46 30.81
CA THR C 105 -20.97 23.03 32.15
C THR C 105 -22.17 22.61 32.99
N ASP C 106 -23.16 21.99 32.36
CA ASP C 106 -24.37 21.56 33.08
C ASP C 106 -24.26 20.11 33.56
N VAL C 107 -23.21 19.42 33.14
CA VAL C 107 -23.02 18.02 33.51
C VAL C 107 -22.68 17.92 35.00
N GLN C 108 -23.25 16.92 35.69
CA GLN C 108 -23.04 16.81 37.13
C GLN C 108 -21.74 16.10 37.48
N ASN C 109 -21.29 15.19 36.61
CA ASN C 109 -20.04 14.49 36.82
C ASN C 109 -18.99 14.88 35.80
N ARG C 110 -17.86 15.41 36.27
CA ARG C 110 -16.75 15.74 35.39
C ARG C 110 -15.52 14.95 35.82
N TYR C 111 -14.75 14.47 34.85
CA TYR C 111 -13.54 13.72 35.17
C TYR C 111 -12.43 14.06 34.19
N THR C 112 -11.20 14.08 34.69
CA THR C 112 -10.04 14.25 33.83
C THR C 112 -9.17 13.01 33.90
N PHE C 113 -8.87 12.43 32.74
CA PHE C 113 -7.99 11.27 32.68
C PHE C 113 -6.58 11.66 33.06
N ALA C 114 -5.82 10.69 33.58
CA ALA C 114 -4.43 10.93 33.95
C ALA C 114 -3.54 10.98 32.71
N PHE C 115 -4.12 10.60 31.57
CA PHE C 115 -3.38 10.52 30.32
C PHE C 115 -3.89 11.54 29.29
N GLY C 116 -3.01 11.96 28.40
CA GLY C 116 -3.37 12.85 27.32
C GLY C 116 -3.96 12.09 26.13
N GLY C 117 -4.55 12.82 25.20
CA GLY C 117 -5.19 12.20 24.05
C GLY C 117 -4.30 12.13 22.82
N ASN C 118 -3.09 11.62 22.99
CA ASN C 118 -2.18 11.43 21.86
C ASN C 118 -2.08 9.97 21.49
N TYR C 119 -1.84 9.69 20.21
CA TYR C 119 -1.80 8.33 19.69
C TYR C 119 -0.85 7.43 20.45
N ASP C 120 0.37 7.90 20.67
CA ASP C 120 1.38 7.10 21.35
C ASP C 120 0.86 6.53 22.68
N ARG C 121 0.22 7.40 23.46
CA ARG C 121 -0.32 6.99 24.76
C ARG C 121 -1.55 6.12 24.58
N LEU C 122 -2.45 6.53 23.69
CA LEU C 122 -3.67 5.77 23.44
C LEU C 122 -3.38 4.37 22.91
N GLU C 123 -2.40 4.27 22.02
CA GLU C 123 -1.99 2.98 21.48
C GLU C 123 -1.51 2.07 22.61
N GLN C 124 -0.78 2.63 23.57
CA GLN C 124 -0.27 1.87 24.70
C GLN C 124 -1.40 1.36 25.59
N LEU C 125 -2.41 2.20 25.81
CA LEU C 125 -3.57 1.81 26.62
C LEU C 125 -4.42 0.74 25.93
N ALA C 126 -4.55 0.84 24.61
CA ALA C 126 -5.39 -0.09 23.85
C ALA C 126 -4.69 -1.43 23.61
N GLY C 127 -3.37 -1.44 23.67
CA GLY C 127 -2.60 -2.64 23.43
C GLY C 127 -2.38 -2.90 21.94
N ASN C 128 -2.82 -1.96 21.11
CA ASN C 128 -2.64 -2.08 19.66
C ASN C 128 -2.18 -0.77 19.01
N LEU C 129 -1.36 -0.90 17.98
CA LEU C 129 -0.97 0.24 17.18
C LEU C 129 -2.11 0.61 16.24
N ARG C 130 -2.09 1.86 15.76
CA ARG C 130 -3.06 2.29 14.75
C ARG C 130 -3.08 1.31 13.59
N GLU C 131 -1.92 0.74 13.28
CA GLU C 131 -1.76 -0.17 12.16
C GLU C 131 -2.59 -1.46 12.29
N ASN C 132 -3.08 -1.73 13.50
CA ASN C 132 -3.83 -2.95 13.73
C ASN C 132 -5.24 -2.70 14.24
N ILE C 133 -5.65 -1.44 14.24
CA ILE C 133 -7.00 -1.06 14.66
C ILE C 133 -7.84 -0.71 13.45
N GLU C 134 -8.91 -1.49 13.23
CA GLU C 134 -9.73 -1.32 12.04
C GLU C 134 -10.65 -0.10 12.10
N LEU C 135 -10.83 0.54 10.95
CA LEU C 135 -11.67 1.71 10.85
C LEU C 135 -12.83 1.43 9.90
N GLY C 136 -13.90 2.19 10.02
CA GLY C 136 -15.07 2.01 9.19
C GLY C 136 -16.33 2.30 9.98
N ASN C 137 -17.48 2.07 9.35
CA ASN C 137 -18.76 2.30 10.01
C ASN C 137 -18.95 1.38 11.21
N GLY C 138 -18.61 0.10 11.03
CA GLY C 138 -18.69 -0.88 12.09
C GLY C 138 -17.90 -0.49 13.32
N PRO C 139 -16.59 -0.27 13.15
CA PRO C 139 -15.73 0.19 14.25
C PRO C 139 -16.22 1.47 14.92
N LEU C 140 -16.77 2.39 14.15
CA LEU C 140 -17.27 3.64 14.72
C LEU C 140 -18.51 3.39 15.57
N GLU C 141 -19.42 2.55 15.06
CA GLU C 141 -20.61 2.18 15.80
C GLU C 141 -20.25 1.56 17.16
N GLU C 142 -19.22 0.73 17.15
CA GLU C 142 -18.78 0.05 18.36
C GLU C 142 -18.09 1.01 19.31
N ALA C 143 -17.31 1.94 18.76
CA ALA C 143 -16.65 2.96 19.56
C ALA C 143 -17.68 3.83 20.27
N ILE C 144 -18.75 4.18 19.57
CA ILE C 144 -19.81 4.99 20.16
C ILE C 144 -20.40 4.31 21.39
N SER C 145 -20.68 3.01 21.28
CA SER C 145 -21.26 2.25 22.39
C SER C 145 -20.28 2.15 23.56
N ALA C 146 -19.01 1.93 23.25
CA ALA C 146 -17.98 1.81 24.27
C ALA C 146 -17.86 3.10 25.08
N LEU C 147 -17.79 4.23 24.38
CA LEU C 147 -17.73 5.53 25.04
C LEU C 147 -18.97 5.77 25.90
N TYR C 148 -20.14 5.41 25.38
CA TYR C 148 -21.38 5.64 26.11
C TYR C 148 -21.42 4.87 27.44
N TYR C 149 -20.96 3.63 27.43
CA TYR C 149 -21.07 2.76 28.59
C TYR C 149 -19.93 2.92 29.60
N TYR C 150 -18.99 3.80 29.32
CA TYR C 150 -17.85 3.93 30.21
C TYR C 150 -18.25 4.38 31.62
N SER C 151 -19.19 5.32 31.71
CA SER C 151 -19.60 5.85 33.02
C SER C 151 -20.28 4.81 33.89
N THR C 152 -20.96 3.85 33.26
CA THR C 152 -21.69 2.82 34.00
C THR C 152 -20.81 1.63 34.38
N GLY C 153 -19.52 1.72 34.02
CA GLY C 153 -18.59 0.66 34.39
C GLY C 153 -18.47 -0.44 33.35
N GLY C 154 -19.25 -0.34 32.28
CA GLY C 154 -19.31 -1.39 31.29
C GLY C 154 -18.16 -1.45 30.30
N THR C 155 -17.34 -0.40 30.26
CA THR C 155 -16.23 -0.34 29.30
C THR C 155 -14.86 -0.33 29.98
N GLN C 156 -14.00 -1.25 29.58
CA GLN C 156 -12.64 -1.33 30.11
C GLN C 156 -11.75 -0.30 29.43
N LEU C 157 -10.70 0.11 30.13
CA LEU C 157 -9.81 1.16 29.66
C LEU C 157 -9.24 0.90 28.27
N PRO C 158 -8.75 -0.33 28.01
CA PRO C 158 -8.19 -0.62 26.68
C PRO C 158 -9.22 -0.46 25.57
N THR C 159 -10.45 -0.87 25.84
CA THR C 159 -11.54 -0.72 24.88
C THR C 159 -11.84 0.76 24.66
N LEU C 160 -11.76 1.55 25.72
CA LEU C 160 -12.00 2.98 25.61
C LEU C 160 -10.93 3.65 24.76
N ALA C 161 -9.68 3.33 25.05
CA ALA C 161 -8.56 3.87 24.28
C ALA C 161 -8.72 3.59 22.79
N ARG C 162 -9.03 2.35 22.46
CA ARG C 162 -9.20 1.95 21.07
C ARG C 162 -10.34 2.73 20.44
N SER C 163 -11.40 2.96 21.23
CA SER C 163 -12.54 3.72 20.73
C SER C 163 -12.18 5.16 20.41
N PHE C 164 -11.31 5.75 21.23
CA PHE C 164 -10.80 7.11 20.98
C PHE C 164 -9.98 7.15 19.71
N ILE C 165 -9.11 6.16 19.52
CA ILE C 165 -8.29 6.08 18.33
C ILE C 165 -9.16 6.05 17.07
N ILE C 166 -10.22 5.25 17.13
CA ILE C 166 -11.16 5.13 16.02
C ILE C 166 -11.87 6.47 15.72
N CYS C 167 -12.40 7.08 16.77
CA CYS C 167 -13.13 8.34 16.61
C CYS C 167 -12.25 9.47 16.10
N ILE C 168 -11.05 9.62 16.68
CA ILE C 168 -10.13 10.66 16.27
C ILE C 168 -9.82 10.59 14.78
N GLN C 169 -9.55 9.40 14.28
CA GLN C 169 -9.19 9.23 12.88
C GLN C 169 -10.35 9.49 11.91
N MET C 170 -11.53 8.98 12.25
CA MET C 170 -12.68 9.10 11.36
C MET C 170 -13.35 10.46 11.44
N ILE C 171 -12.98 11.24 12.46
CA ILE C 171 -13.50 12.60 12.60
C ILE C 171 -12.40 13.65 12.37
N SER C 172 -11.45 13.73 13.31
CA SER C 172 -10.42 14.76 13.26
C SER C 172 -9.47 14.63 12.06
N GLU C 173 -8.88 13.45 11.87
CA GLU C 173 -7.96 13.24 10.77
C GLU C 173 -8.65 13.40 9.42
N ALA C 174 -9.89 12.94 9.34
CA ALA C 174 -10.67 13.05 8.11
C ALA C 174 -10.99 14.52 7.84
N ALA C 175 -11.26 15.28 8.89
CA ALA C 175 -11.51 16.71 8.75
C ALA C 175 -10.25 17.41 8.21
N ARG C 176 -9.09 16.99 8.73
CA ARG C 176 -7.82 17.58 8.34
C ARG C 176 -7.38 17.22 6.92
N PHE C 177 -7.63 15.98 6.51
CA PHE C 177 -7.13 15.46 5.25
C PHE C 177 -8.25 14.92 4.37
N GLN C 178 -8.36 15.44 3.14
CA GLN C 178 -9.29 14.90 2.16
C GLN C 178 -8.91 13.47 1.81
N TYR C 179 -7.60 13.21 1.77
CA TYR C 179 -7.11 11.87 1.51
C TYR C 179 -7.66 10.87 2.53
N ILE C 180 -7.69 11.28 3.80
CA ILE C 180 -8.17 10.41 4.86
C ILE C 180 -9.69 10.29 4.82
N GLU C 181 -10.37 11.39 4.51
CA GLU C 181 -11.81 11.35 4.30
C GLU C 181 -12.13 10.39 3.18
N GLY C 182 -11.32 10.41 2.13
CA GLY C 182 -11.49 9.52 1.00
C GLY C 182 -11.32 8.07 1.39
N GLU C 183 -10.40 7.81 2.31
CA GLU C 183 -10.13 6.46 2.79
C GLU C 183 -11.32 5.90 3.57
N MET C 184 -12.05 6.78 4.25
CA MET C 184 -13.21 6.36 5.03
C MET C 184 -14.44 6.20 4.13
N ARG C 185 -14.49 6.96 3.05
CA ARG C 185 -15.58 6.84 2.08
C ARG C 185 -15.51 5.51 1.37
N THR C 186 -14.29 5.08 1.07
CA THR C 186 -14.07 3.79 0.41
C THR C 186 -14.54 2.64 1.30
N ARG C 187 -14.25 2.75 2.58
CA ARG C 187 -14.67 1.73 3.53
C ARG C 187 -16.19 1.65 3.64
N ILE C 188 -16.83 2.82 3.65
CA ILE C 188 -18.29 2.89 3.70
C ILE C 188 -18.91 2.41 2.38
N ARG C 189 -18.34 2.87 1.27
CA ARG C 189 -18.85 2.51 -0.06
C ARG C 189 -18.91 1.00 -0.25
N TYR C 190 -17.90 0.29 0.24
CA TYR C 190 -17.81 -1.15 0.05
C TYR C 190 -18.12 -1.94 1.33
N ASN C 191 -18.69 -1.26 2.33
CA ASN C 191 -19.03 -1.91 3.58
C ASN C 191 -17.86 -2.67 4.18
N ARG C 192 -16.69 -2.06 4.16
CA ARG C 192 -15.47 -2.68 4.67
C ARG C 192 -15.05 -2.09 6.00
N ARG C 193 -14.37 -2.90 6.79
CA ARG C 193 -13.59 -2.40 7.92
C ARG C 193 -12.16 -2.88 7.74
N SER C 194 -11.20 -1.99 8.01
CA SER C 194 -9.80 -2.33 7.84
C SER C 194 -8.90 -1.24 8.41
N ALA C 195 -7.72 -1.65 8.90
CA ALA C 195 -6.77 -0.71 9.48
C ALA C 195 -6.21 0.21 8.39
N PRO C 196 -5.76 1.41 8.79
CA PRO C 196 -5.16 2.35 7.84
C PRO C 196 -3.77 1.90 7.40
N ASP C 197 -3.45 2.05 6.12
CA ASP C 197 -2.14 1.68 5.63
C ASP C 197 -1.13 2.78 5.95
N PRO C 198 0.16 2.55 5.65
CA PRO C 198 1.21 3.52 5.98
C PRO C 198 0.99 4.92 5.39
N SER C 199 0.27 5.00 4.27
CA SER C 199 0.02 6.29 3.65
C SER C 199 -0.85 7.18 4.56
N VAL C 200 -1.76 6.55 5.29
CA VAL C 200 -2.64 7.27 6.20
C VAL C 200 -1.93 7.65 7.50
N ILE C 201 -1.20 6.70 8.07
CA ILE C 201 -0.49 6.94 9.33
C ILE C 201 0.56 8.04 9.17
N THR C 202 1.34 7.96 8.10
CA THR C 202 2.37 8.96 7.82
C THR C 202 1.80 10.37 7.76
N LEU C 203 0.67 10.53 7.08
CA LEU C 203 0.02 11.84 7.00
C LEU C 203 -0.37 12.34 8.38
N GLU C 204 -0.98 11.48 9.18
CA GLU C 204 -1.39 11.84 10.53
C GLU C 204 -0.21 12.36 11.36
N ASN C 205 0.92 11.66 11.27
CA ASN C 205 2.11 12.03 12.03
C ASN C 205 2.77 13.31 11.51
N SER C 206 2.39 13.73 10.31
CA SER C 206 3.09 14.80 9.60
C SER C 206 2.30 16.11 9.52
N TRP C 207 1.08 16.11 10.03
CA TRP C 207 0.21 17.27 9.87
C TRP C 207 0.85 18.57 10.34
N GLY C 208 1.49 18.53 11.50
CA GLY C 208 2.15 19.69 12.05
C GLY C 208 3.23 20.24 11.15
N ARG C 209 4.18 19.40 10.74
CA ARG C 209 5.31 19.86 9.95
C ARG C 209 4.89 20.23 8.54
N LEU C 210 3.84 19.58 8.04
CA LEU C 210 3.29 19.94 6.74
C LEU C 210 2.67 21.34 6.81
N SER C 211 1.97 21.62 7.91
CA SER C 211 1.43 22.96 8.14
C SER C 211 2.55 24.02 8.15
N THR C 212 3.64 23.69 8.84
CA THR C 212 4.78 24.57 8.91
C THR C 212 5.46 24.76 7.55
N ALA C 213 5.70 23.66 6.85
CA ALA C 213 6.39 23.71 5.56
C ALA C 213 5.65 24.56 4.55
N ILE C 214 4.33 24.43 4.54
CA ILE C 214 3.50 25.17 3.59
C ILE C 214 3.46 26.66 3.90
N GLN C 215 3.26 27.00 5.16
CA GLN C 215 3.17 28.41 5.55
C GLN C 215 4.53 29.08 5.46
N GLU C 216 5.58 28.28 5.53
CA GLU C 216 6.96 28.76 5.42
C GLU C 216 7.39 28.92 3.97
N SER C 217 6.73 28.18 3.07
CA SER C 217 7.21 28.02 1.70
C SER C 217 7.41 29.32 0.95
N ASN C 218 8.41 29.34 0.09
CA ASN C 218 8.64 30.47 -0.81
C ASN C 218 7.78 30.33 -2.06
N GLN C 219 6.65 31.04 -2.06
CA GLN C 219 5.73 31.03 -3.20
C GLN C 219 5.23 29.62 -3.51
N GLY C 220 5.24 28.74 -2.52
CA GLY C 220 4.73 27.39 -2.67
C GLY C 220 5.80 26.34 -2.93
N ALA C 221 7.02 26.79 -3.14
CA ALA C 221 8.14 25.87 -3.32
C ALA C 221 8.73 25.46 -1.97
N PHE C 222 9.09 24.18 -1.85
CA PHE C 222 9.80 23.70 -0.68
C PHE C 222 11.30 23.78 -0.91
N ALA C 223 12.01 24.42 0.01
CA ALA C 223 13.47 24.52 -0.08
C ALA C 223 14.08 23.13 -0.18
N SER C 224 13.55 22.22 0.64
CA SER C 224 13.98 20.82 0.63
C SER C 224 12.76 19.92 0.58
N PRO C 225 12.83 18.85 -0.23
CA PRO C 225 11.70 17.95 -0.45
C PRO C 225 11.07 17.42 0.84
N ILE C 226 9.75 17.39 0.89
CA ILE C 226 9.05 16.72 1.97
C ILE C 226 8.89 15.24 1.61
N GLN C 227 9.13 14.37 2.59
CA GLN C 227 8.95 12.93 2.37
C GLN C 227 7.59 12.48 2.88
N LEU C 228 6.89 11.71 2.07
CA LEU C 228 5.67 11.05 2.50
C LEU C 228 5.75 9.58 2.11
N GLN C 229 4.67 8.85 2.33
CA GLN C 229 4.67 7.41 2.07
C GLN C 229 3.50 6.94 1.22
N ARG C 230 3.78 5.99 0.34
CA ARG C 230 2.73 5.38 -0.46
C ARG C 230 2.04 4.30 0.36
N ARG C 231 0.98 3.72 -0.21
CA ARG C 231 0.22 2.69 0.48
C ARG C 231 1.11 1.51 0.86
N ASN C 232 2.01 1.15 -0.05
CA ASN C 232 2.90 0.02 0.15
C ASN C 232 4.10 0.33 1.04
N GLY C 233 4.17 1.55 1.55
CA GLY C 233 5.21 1.94 2.49
C GLY C 233 6.41 2.66 1.90
N SER C 234 6.53 2.65 0.58
CA SER C 234 7.66 3.31 -0.09
C SER C 234 7.60 4.82 0.09
N LYS C 235 8.76 5.44 0.27
CA LYS C 235 8.85 6.88 0.50
C LYS C 235 8.98 7.65 -0.81
N PHE C 236 8.29 8.78 -0.91
CA PHE C 236 8.36 9.62 -2.10
C PHE C 236 8.47 11.12 -1.76
N SER C 237 9.11 11.86 -2.65
CA SER C 237 9.38 13.28 -2.40
C SER C 237 8.31 14.22 -2.94
N VAL C 238 8.01 15.26 -2.15
CA VAL C 238 7.12 16.33 -2.55
C VAL C 238 7.93 17.63 -2.64
N TYR C 239 7.84 18.32 -3.77
CA TYR C 239 8.70 19.48 -4.02
C TYR C 239 8.01 20.83 -3.91
N ASP C 240 6.67 20.81 -3.93
CA ASP C 240 5.90 22.05 -3.83
C ASP C 240 4.51 21.76 -3.26
N VAL C 241 3.78 22.82 -2.93
CA VAL C 241 2.49 22.69 -2.26
C VAL C 241 1.39 22.08 -3.13
N SER C 242 1.44 22.31 -4.44
CA SER C 242 0.31 21.96 -5.31
C SER C 242 -0.18 20.52 -5.14
N ILE C 243 0.73 19.56 -5.01
CA ILE C 243 0.33 18.16 -4.91
C ILE C 243 -0.27 17.81 -3.54
N LEU C 244 -0.19 18.74 -2.60
CA LEU C 244 -0.76 18.55 -1.28
C LEU C 244 -2.17 19.13 -1.22
N ILE C 245 -2.50 19.95 -2.21
CA ILE C 245 -3.78 20.65 -2.24
C ILE C 245 -4.99 19.70 -2.23
N PRO C 246 -4.90 18.58 -2.97
CA PRO C 246 -6.00 17.60 -2.92
C PRO C 246 -5.91 16.68 -1.70
N ILE C 247 -4.79 16.71 -1.00
CA ILE C 247 -4.54 15.81 0.12
C ILE C 247 -4.94 16.41 1.47
N ILE C 248 -4.55 17.66 1.69
CA ILE C 248 -4.78 18.34 2.97
C ILE C 248 -5.95 19.31 2.88
N ALA C 249 -6.91 19.15 3.80
CA ALA C 249 -8.10 19.99 3.78
C ALA C 249 -7.95 21.23 4.66
N LEU C 250 -7.11 21.15 5.67
CA LEU C 250 -6.84 22.31 6.51
C LEU C 250 -5.56 22.17 7.32
N MET C 251 -5.01 23.32 7.73
CA MET C 251 -3.76 23.37 8.47
C MET C 251 -3.91 24.10 9.80
N VAL C 252 -3.06 23.74 10.76
CA VAL C 252 -3.01 24.47 12.00
C VAL C 252 -2.26 25.77 11.71
N TYR C 253 -2.66 26.85 12.39
CA TYR C 253 -1.98 28.12 12.21
C TYR C 253 -0.56 28.02 12.75
N ARG C 254 0.41 28.43 11.94
CA ARG C 254 1.82 28.42 12.36
C ARG C 254 2.40 29.83 12.38
N CYS C 255 2.19 30.57 11.31
CA CYS C 255 2.69 31.94 11.23
C CYS C 255 1.78 32.83 10.40
N ALA C 256 1.98 34.13 10.50
CA ALA C 256 1.19 35.10 9.75
C ALA C 256 1.43 34.92 8.25
N PRO C 257 0.42 35.21 7.43
CA PRO C 257 0.60 35.19 5.99
C PRO C 257 1.49 36.35 5.54
N PRO C 258 2.23 36.16 4.43
CA PRO C 258 3.10 37.19 3.85
C PRO C 258 2.33 38.47 3.49
N LEU D 2 13.79 13.35 16.14
CA LEU D 2 14.39 13.50 17.46
C LEU D 2 14.56 12.15 18.14
N VAL D 3 15.75 11.92 18.71
CA VAL D 3 16.03 10.67 19.39
C VAL D 3 16.68 10.92 20.76
N GLU D 4 15.98 10.50 21.81
CA GLU D 4 16.43 10.77 23.18
C GLU D 4 17.27 9.64 23.76
N THR D 5 18.31 10.02 24.50
CA THR D 5 19.10 9.08 25.28
C THR D 5 19.47 9.73 26.61
N GLY D 6 20.21 8.99 27.44
CA GLY D 6 20.67 9.51 28.71
C GLY D 6 19.83 9.11 29.90
N GLY D 7 18.69 8.50 29.64
CA GLY D 7 17.81 8.04 30.70
C GLY D 7 18.33 6.79 31.37
N GLY D 8 17.73 6.42 32.50
CA GLY D 8 18.12 5.22 33.21
C GLY D 8 17.61 5.20 34.64
N LEU D 9 18.16 4.30 35.45
CA LEU D 9 17.76 4.20 36.85
C LEU D 9 18.76 4.92 37.75
N VAL D 10 18.23 5.69 38.69
CA VAL D 10 19.06 6.49 39.58
C VAL D 10 18.39 6.59 40.95
N GLN D 11 19.20 6.62 42.00
CA GLN D 11 18.69 6.76 43.36
C GLN D 11 18.32 8.21 43.66
N SER D 12 17.38 8.40 44.57
CA SER D 12 16.96 9.73 44.99
C SER D 12 18.16 10.61 45.30
N GLY D 13 18.16 11.82 44.74
CA GLY D 13 19.24 12.77 44.96
C GLY D 13 20.32 12.72 43.89
N GLY D 14 20.21 11.74 43.00
CA GLY D 14 21.19 11.55 41.94
C GLY D 14 20.94 12.42 40.72
N SER D 15 21.68 12.18 39.65
CA SER D 15 21.60 13.00 38.46
C SER D 15 21.56 12.19 37.17
N LEU D 16 20.93 12.77 36.16
CA LEU D 16 20.95 12.24 34.80
C LEU D 16 21.06 13.40 33.83
N ARG D 17 21.64 13.15 32.66
CA ARG D 17 21.56 14.11 31.57
C ARG D 17 20.87 13.47 30.38
N LEU D 18 19.68 13.95 30.09
CA LEU D 18 18.98 13.50 28.90
C LEU D 18 19.51 14.24 27.68
N SER D 19 19.47 13.58 26.53
CA SER D 19 20.02 14.15 25.31
C SER D 19 19.07 13.98 24.14
N CYS D 20 18.81 15.07 23.43
CA CYS D 20 17.86 15.08 22.32
C CYS D 20 18.58 15.49 21.04
N ALA D 21 18.99 14.51 20.25
CA ALA D 21 19.76 14.77 19.03
C ALA D 21 18.88 14.79 17.78
N ALA D 22 18.90 15.92 17.07
CA ALA D 22 18.11 16.07 15.85
C ALA D 22 18.82 15.47 14.64
N SER D 23 18.07 14.76 13.82
CA SER D 23 18.62 14.12 12.63
C SER D 23 17.80 14.49 11.40
N GLY D 24 18.46 15.06 10.39
CA GLY D 24 17.79 15.45 9.17
C GLY D 24 17.47 16.93 9.13
N PHE D 25 17.41 17.56 10.30
CA PHE D 25 17.10 18.99 10.38
C PHE D 25 17.87 19.69 11.50
N THR D 26 17.94 21.01 11.43
CA THR D 26 18.68 21.80 12.41
C THR D 26 17.76 22.30 13.52
N LEU D 27 18.23 22.19 14.76
CA LEU D 27 17.44 22.55 15.93
C LEU D 27 17.43 24.05 16.24
N ASP D 28 18.42 24.76 15.73
CA ASP D 28 18.63 26.16 16.11
C ASP D 28 17.38 27.03 15.97
N ASN D 29 16.65 26.86 14.88
CA ASN D 29 15.48 27.68 14.62
C ASN D 29 14.19 27.16 15.27
N TYR D 30 14.32 26.12 16.08
CA TYR D 30 13.15 25.49 16.67
C TYR D 30 12.97 25.79 18.16
N ASN D 31 11.72 25.93 18.57
CA ASN D 31 11.39 25.89 19.99
C ASN D 31 11.45 24.44 20.44
N ILE D 32 12.18 24.17 21.51
CA ILE D 32 12.37 22.81 21.98
C ILE D 32 11.87 22.64 23.41
N GLY D 33 11.21 21.52 23.68
CA GLY D 33 10.70 21.27 25.02
C GLY D 33 10.89 19.83 25.47
N TRP D 34 11.14 19.65 26.75
CA TRP D 34 11.15 18.34 27.38
C TRP D 34 9.82 18.14 28.13
N PHE D 35 9.23 16.96 28.00
CA PHE D 35 7.90 16.70 28.54
C PHE D 35 7.83 15.40 29.34
N ARG D 36 6.86 15.31 30.23
CA ARG D 36 6.57 14.09 30.99
C ARG D 36 5.28 13.45 30.51
N GLN D 37 5.20 12.13 30.62
CA GLN D 37 4.03 11.39 30.16
C GLN D 37 2.86 11.52 31.14
N ALA D 38 3.18 11.57 32.43
CA ALA D 38 2.15 11.66 33.47
C ALA D 38 2.49 12.73 34.51
N PRO D 39 2.09 13.98 34.23
CA PRO D 39 2.40 15.15 35.06
C PRO D 39 1.47 15.30 36.28
N GLY D 40 0.42 14.50 36.35
CA GLY D 40 -0.52 14.60 37.45
C GLY D 40 -1.33 15.88 37.39
N LYS D 41 -1.21 16.71 38.43
CA LYS D 41 -1.93 17.97 38.49
C LYS D 41 -1.09 19.15 38.00
N GLU D 42 0.08 18.84 37.45
CA GLU D 42 0.89 19.85 36.75
C GLU D 42 0.59 19.80 35.26
N TYR D 43 0.74 20.92 34.58
CA TYR D 43 0.48 20.97 33.14
C TYR D 43 1.68 21.50 32.35
N GLY D 44 1.77 21.10 31.09
CA GLY D 44 2.80 21.60 30.21
C GLY D 44 4.13 20.87 30.34
N GLY D 45 5.18 21.47 29.79
CA GLY D 45 6.48 20.83 29.76
C GLY D 45 7.21 20.91 31.08
N VAL D 46 8.33 20.20 31.17
CA VAL D 46 9.19 20.24 32.33
C VAL D 46 10.20 21.38 32.16
N SER D 47 10.68 21.55 30.93
N SER D 47 10.67 21.55 30.94
CA SER D 47 11.64 22.58 30.60
CA SER D 47 11.62 22.61 30.62
C SER D 47 11.59 22.86 29.11
C SER D 47 11.65 22.87 29.12
N CYS D 48 11.68 24.14 28.74
CA CYS D 48 11.64 24.52 27.33
C CYS D 48 12.59 25.67 27.02
N ILE D 49 13.07 25.71 25.79
CA ILE D 49 13.96 26.78 25.36
C ILE D 49 13.57 27.34 23.99
N SER D 50 13.46 28.65 23.91
CA SER D 50 13.05 29.33 22.69
C SER D 50 14.09 29.21 21.57
N SER D 51 13.62 29.32 20.35
CA SER D 51 14.48 29.18 19.18
C SER D 51 15.51 30.31 19.06
N SER D 52 15.03 31.54 19.13
CA SER D 52 15.89 32.70 18.93
C SER D 52 15.63 33.81 19.94
N ASP D 53 15.67 33.47 21.23
CA ASP D 53 15.46 34.47 22.28
C ASP D 53 16.73 34.77 23.10
N GLY D 54 17.31 33.76 23.76
CA GLY D 54 16.78 32.41 23.82
C GLY D 54 16.31 32.11 25.23
N SER D 55 15.09 32.57 25.54
CA SER D 55 14.53 32.43 26.87
C SER D 55 14.17 30.97 27.19
N THR D 56 14.19 30.63 28.48
CA THR D 56 13.89 29.28 28.92
C THR D 56 12.66 29.25 29.83
N TYR D 57 12.03 28.08 29.90
CA TYR D 57 10.92 27.88 30.82
C TYR D 57 11.18 26.64 31.67
N TYR D 58 10.91 26.74 32.96
CA TYR D 58 10.98 25.59 33.84
C TYR D 58 9.69 25.46 34.63
N ALA D 59 9.18 24.24 34.72
CA ALA D 59 8.02 23.98 35.58
C ALA D 59 8.43 24.26 37.02
N ASP D 60 7.46 24.67 37.83
CA ASP D 60 7.76 25.04 39.22
C ASP D 60 8.39 23.90 40.00
N SER D 61 7.95 22.67 39.74
CA SER D 61 8.42 21.51 40.49
C SER D 61 9.89 21.16 40.21
N VAL D 62 10.46 21.72 39.16
CA VAL D 62 11.84 21.44 38.79
C VAL D 62 12.73 22.69 38.75
N LYS D 63 12.14 23.84 39.07
CA LYS D 63 12.74 25.13 38.72
C LYS D 63 14.18 25.36 39.20
N GLY D 64 14.55 24.76 40.33
CA GLY D 64 15.89 24.95 40.86
C GLY D 64 16.81 23.76 40.63
N ARG D 65 16.29 22.73 39.96
CA ARG D 65 16.99 21.46 39.87
C ARG D 65 17.38 21.11 38.44
N PHE D 66 16.53 21.46 37.48
CA PHE D 66 16.79 21.09 36.09
C PHE D 66 17.40 22.24 35.30
N THR D 67 18.20 21.88 34.30
CA THR D 67 18.78 22.87 33.39
C THR D 67 18.72 22.34 31.97
N ILE D 68 18.07 23.09 31.09
CA ILE D 68 18.03 22.76 29.67
C ILE D 68 19.05 23.62 28.95
N SER D 69 19.74 23.04 27.98
CA SER D 69 20.76 23.76 27.24
C SER D 69 20.89 23.27 25.80
N ARG D 70 21.47 24.10 24.95
CA ARG D 70 21.52 23.82 23.52
C ARG D 70 22.95 23.67 23.02
N ASP D 71 23.23 22.54 22.38
CA ASP D 71 24.53 22.31 21.77
C ASP D 71 24.40 22.43 20.25
N ASN D 72 24.44 23.66 19.76
CA ASN D 72 24.22 23.94 18.34
C ASN D 72 25.18 23.20 17.42
N ALA D 73 26.45 23.12 17.81
CA ALA D 73 27.45 22.43 17.02
C ALA D 73 27.11 20.94 16.86
N LYS D 74 26.66 20.32 17.94
CA LYS D 74 26.28 18.91 17.93
C LYS D 74 24.84 18.70 17.50
N ASN D 75 24.12 19.79 17.25
CA ASN D 75 22.71 19.71 16.88
C ASN D 75 21.93 18.90 17.91
N THR D 76 22.24 19.15 19.19
CA THR D 76 21.66 18.39 20.29
C THR D 76 21.15 19.30 21.40
N VAL D 77 20.14 18.83 22.13
CA VAL D 77 19.64 19.56 23.28
C VAL D 77 19.69 18.68 24.52
N TYR D 78 20.13 19.24 25.64
CA TYR D 78 20.32 18.47 26.85
C TYR D 78 19.37 18.90 27.96
N LEU D 79 18.93 17.93 28.76
CA LEU D 79 18.24 18.20 30.01
C LEU D 79 19.08 17.68 31.16
N GLN D 80 19.73 18.59 31.88
CA GLN D 80 20.54 18.21 33.04
C GLN D 80 19.62 18.10 34.25
N MET D 81 19.44 16.89 34.75
CA MET D 81 18.52 16.63 35.86
C MET D 81 19.25 16.36 37.17
N ASN D 82 19.24 17.34 38.07
CA ASN D 82 19.88 17.20 39.38
C ASN D 82 18.87 17.06 40.52
N ASN D 83 19.30 16.51 41.64
CA ASN D 83 18.45 16.36 42.81
C ASN D 83 17.15 15.64 42.50
N LEU D 84 17.24 14.54 41.77
CA LEU D 84 16.07 13.78 41.36
C LEU D 84 15.30 13.24 42.56
N LYS D 85 13.97 13.22 42.44
CA LYS D 85 13.09 12.66 43.46
C LYS D 85 12.28 11.52 42.85
N PRO D 86 11.79 10.59 43.68
CA PRO D 86 10.93 9.51 43.18
C PRO D 86 9.80 10.06 42.31
N GLU D 87 9.27 11.21 42.68
CA GLU D 87 8.14 11.81 41.96
C GLU D 87 8.51 12.24 40.53
N ASP D 88 9.80 12.22 40.22
CA ASP D 88 10.26 12.56 38.87
C ASP D 88 10.19 11.36 37.93
N THR D 89 10.00 10.18 38.51
CA THR D 89 9.94 8.95 37.73
C THR D 89 8.88 9.07 36.63
N ASP D 90 9.29 8.85 35.39
CA ASP D 90 8.38 8.98 34.26
C ASP D 90 9.10 8.74 32.93
N VAL D 91 8.32 8.65 31.86
CA VAL D 91 8.87 8.66 30.52
C VAL D 91 9.02 10.11 30.07
N TYR D 92 10.22 10.48 29.66
CA TYR D 92 10.47 11.84 29.20
C TYR D 92 10.74 11.86 27.70
N TYR D 93 10.10 12.77 26.99
CA TYR D 93 10.34 12.91 25.57
C TYR D 93 10.64 14.36 25.17
N CYS D 94 11.30 14.50 24.03
CA CYS D 94 11.67 15.80 23.48
C CYS D 94 10.78 16.11 22.30
N ALA D 95 10.31 17.35 22.21
CA ALA D 95 9.46 17.79 21.11
C ALA D 95 9.91 19.14 20.58
N ALA D 96 9.63 19.41 19.30
CA ALA D 96 10.10 20.62 18.66
C ALA D 96 9.07 21.23 17.71
N THR D 97 8.87 22.53 17.84
CA THR D 97 8.03 23.28 16.90
C THR D 97 8.76 24.53 16.44
N LYS D 98 8.69 24.81 15.15
CA LYS D 98 9.47 25.89 14.56
C LYS D 98 8.97 27.28 14.97
N TYR D 99 7.65 27.42 15.08
CA TYR D 99 7.07 28.71 15.44
C TYR D 99 6.28 28.65 16.74
N GLY D 100 5.78 29.79 17.19
CA GLY D 100 4.98 29.85 18.40
C GLY D 100 5.77 30.00 19.69
N SER D 101 5.22 29.49 20.77
CA SER D 101 5.78 29.69 22.11
C SER D 101 7.02 28.86 22.37
N SER D 102 7.69 29.16 23.48
CA SER D 102 8.94 28.50 23.86
C SER D 102 8.73 27.01 24.12
N CYS D 103 7.61 26.66 24.73
CA CYS D 103 7.20 25.27 24.88
C CYS D 103 6.37 24.85 23.68
N PRO D 104 6.86 23.85 22.94
CA PRO D 104 6.12 23.37 21.77
C PRO D 104 4.73 22.90 22.18
N ILE D 105 3.72 23.32 21.44
CA ILE D 105 2.36 22.85 21.69
C ILE D 105 1.90 21.99 20.52
N ARG D 106 1.09 20.98 20.81
CA ARG D 106 0.58 20.11 19.76
C ARG D 106 -0.27 20.90 18.76
N PRO D 107 -0.14 20.57 17.47
CA PRO D 107 0.72 19.48 17.01
C PRO D 107 2.20 19.86 16.90
N TYR D 108 3.08 18.96 17.32
CA TYR D 108 4.51 19.17 17.19
C TYR D 108 4.93 19.02 15.73
N ASP D 109 6.00 19.71 15.35
CA ASP D 109 6.63 19.48 14.05
C ASP D 109 7.41 18.18 14.11
N TYR D 110 8.15 18.00 15.21
CA TYR D 110 8.98 16.81 15.43
C TYR D 110 8.96 16.40 16.90
N TRP D 111 9.10 15.10 17.14
CA TRP D 111 9.16 14.60 18.52
C TRP D 111 9.85 13.23 18.58
N GLY D 112 10.25 12.85 19.79
CA GLY D 112 10.99 11.61 20.00
C GLY D 112 10.17 10.55 20.70
N GLN D 113 10.72 9.33 20.77
CA GLN D 113 10.01 8.21 21.36
C GLN D 113 9.96 8.30 22.88
N GLY D 114 10.94 8.98 23.46
CA GLY D 114 10.99 9.16 24.90
C GLY D 114 11.90 8.16 25.58
N THR D 115 12.37 8.53 26.78
CA THR D 115 13.25 7.68 27.56
C THR D 115 12.72 7.55 29.00
N GLN D 116 12.93 6.40 29.61
CA GLN D 116 12.42 6.15 30.95
C GLN D 116 13.38 6.63 32.04
N VAL D 117 12.88 7.50 32.91
CA VAL D 117 13.64 7.95 34.07
C VAL D 117 13.03 7.36 35.35
N THR D 118 13.76 6.46 35.99
CA THR D 118 13.28 5.85 37.23
C THR D 118 14.18 6.21 38.40
N VAL D 119 13.59 6.78 39.45
CA VAL D 119 14.35 7.25 40.60
C VAL D 119 13.96 6.50 41.88
N SER D 120 14.92 5.75 42.42
CA SER D 120 14.66 4.90 43.59
C SER D 120 14.71 5.68 44.91
N SER D 121 14.03 5.13 45.92
CA SER D 121 14.03 5.72 47.25
C SER D 121 14.99 4.96 48.18
N HIS D 123 14.34 5.79 52.93
CA HIS D 123 15.38 6.27 53.82
C HIS D 123 15.64 5.25 54.87
ZN ZN E . 11.02 -36.34 -17.71
CL CL F . 11.51 -29.15 -9.73
N1 IMD G . 12.91 -40.06 -17.01
C2 IMD G . 12.84 -38.72 -17.28
N3 IMD G . 11.61 -38.30 -16.95
C4 IMD G . 10.91 -39.34 -16.47
C5 IMD G . 11.73 -40.45 -16.51
C1 EDO H . -0.09 -12.95 -18.18
O1 EDO H . 0.31 -12.31 -19.40
C2 EDO H . 1.08 -12.99 -17.20
O2 EDO H . 2.28 -13.25 -17.93
ZN ZN I . -12.46 30.72 31.70
ZN ZN J . 0.10 28.96 -4.23
N1 IMD K . -24.39 -0.27 6.99
C2 IMD K . -25.36 -1.06 7.52
N3 IMD K . -26.29 -0.27 8.10
C4 IMD K . -25.91 1.02 7.94
C5 IMD K . -24.72 1.01 7.24
C1 EDO L . -0.14 12.95 17.81
O1 EDO L . -0.36 12.91 16.39
C2 EDO L . -1.29 12.23 18.51
O2 EDO L . -2.54 12.77 18.05
C1 EDO M . -21.16 24.85 27.40
O1 EDO M . -21.88 24.02 28.32
C2 EDO M . -21.10 24.15 26.04
O2 EDO M . -20.72 22.79 26.21
#